data_3THS
#
_entry.id   3THS
#
_cell.length_a   193.036
_cell.length_b   61.047
_cell.length_c   146.352
_cell.angle_alpha   90.00
_cell.angle_beta   128.92
_cell.angle_gamma   90.00
#
_symmetry.space_group_name_H-M   'C 1 2 1'
#
loop_
_entity.id
_entity.type
_entity.pdbx_description
1 polymer 'Glycine N-methyltransferase'
2 polymer '5-methyltetrahydrofolate pentaglutamate'
3 non-polymer BETA-MERCAPTOETHANOL
4 non-polymer TRIS(HYDROXYETHYL)AMINOMETHANE
5 water water
#
loop_
_entity_poly.entity_id
_entity_poly.type
_entity_poly.pdbx_seq_one_letter_code
_entity_poly.pdbx_strand_id
1 'polypeptide(L)'
;(ACE)VDSVYRTRSLGVAAEGIPDQYADGEAARVWQLYIGDTRSRTAEYKAWLLGLLRQHGCHRVLDVACGTGVDSIMLV
EEGFSVTSVDASDKMLKYALKERWNRRKEPAFDKWVIEEANWLTLDKDVPAGDGFDAVICLGNSFAHLPDSKGDQSEHRL
ALKNIASMVRPGGLLVIDHRNYDYILSTGCAPPGKNIYYKSDLTKDITTSVLTVNNKAHMVTLDYTVQVPGAGRDGAPGF
SKFRLSYYPHCLASFTELVQEAFGGRCQHSVLGDFKPYRPGQAYVPCYFIHVLKKTG
;
A,B,C,D
2 'polypeptide(L)' (03O)(GGL)(GGL)(GGL)(GGL)(GGL) E,F
#
# COMPACT_ATOMS: atom_id res chain seq x y z
N VAL A 2 3.83 1.91 15.34
CA VAL A 2 4.98 2.64 14.71
C VAL A 2 4.89 2.68 13.16
N ASP A 3 4.48 1.59 12.51
CA ASP A 3 4.51 1.57 11.06
C ASP A 3 3.12 1.56 10.43
N SER A 4 2.10 1.81 11.23
CA SER A 4 0.74 1.73 10.74
C SER A 4 0.44 2.96 9.91
N VAL A 5 -0.49 2.80 8.99
CA VAL A 5 -0.97 3.86 8.09
C VAL A 5 -2.45 4.21 8.38
N TYR A 6 -2.84 5.41 8.03
CA TYR A 6 -4.22 5.78 8.28
C TYR A 6 -4.91 6.44 7.12
N ARG A 7 -6.10 5.96 6.86
CA ARG A 7 -6.87 6.38 5.73
C ARG A 7 -7.75 7.54 6.04
N THR A 8 -8.06 8.26 4.97
CA THR A 8 -9.07 9.30 4.93
C THR A 8 -10.40 8.61 5.03
N ARG A 9 -10.56 7.53 4.27
CA ARG A 9 -11.79 6.73 4.26
C ARG A 9 -11.52 5.26 3.98
N SER A 10 -12.40 4.38 4.44
CA SER A 10 -12.27 2.94 4.24
C SER A 10 -12.25 2.59 2.78
N LEU A 11 -11.58 1.49 2.45
CA LEU A 11 -11.65 0.96 1.12
C LEU A 11 -13.10 0.62 0.82
N GLY A 12 -13.58 1.07 -0.31
CA GLY A 12 -14.86 0.67 -0.79
C GLY A 12 -15.99 1.65 -0.64
N VAL A 13 -15.83 2.71 0.15
CA VAL A 13 -16.92 3.61 0.43
C VAL A 13 -16.80 4.88 -0.40
N ALA A 14 -17.88 5.66 -0.46
CA ALA A 14 -18.00 6.81 -1.35
C ALA A 14 -18.68 7.89 -0.56
N ALA A 15 -18.76 9.07 -1.14
CA ALA A 15 -19.44 10.18 -0.47
C ALA A 15 -19.88 11.19 -1.53
N GLU A 16 -21.01 11.82 -1.28
CA GLU A 16 -21.61 12.78 -2.21
C GLU A 16 -20.59 13.84 -2.47
N GLY A 17 -20.49 14.28 -3.73
CA GLY A 17 -19.66 15.41 -4.10
C GLY A 17 -18.21 15.06 -4.40
N ILE A 18 -17.79 13.83 -4.16
CA ILE A 18 -16.43 13.50 -4.44
C ILE A 18 -16.28 12.21 -5.24
N PRO A 19 -15.31 12.20 -6.14
CA PRO A 19 -15.18 11.07 -6.99
C PRO A 19 -14.83 9.86 -6.18
N ASP A 20 -15.30 8.71 -6.63
CA ASP A 20 -15.04 7.48 -5.97
C ASP A 20 -13.56 7.18 -6.10
N GLN A 21 -13.12 6.20 -5.33
CA GLN A 21 -11.69 5.87 -5.21
C GLN A 21 -11.05 5.47 -6.51
N TYR A 22 -10.13 6.29 -6.95
CA TYR A 22 -9.37 6.08 -8.19
C TYR A 22 -10.20 6.14 -9.44
N ALA A 23 -11.44 6.62 -9.33
CA ALA A 23 -12.33 6.68 -10.48
C ALA A 23 -11.86 7.66 -11.56
N ASP A 24 -11.03 8.64 -11.21
CA ASP A 24 -10.53 9.68 -12.13
C ASP A 24 -9.02 9.55 -12.44
N GLY A 25 -8.39 8.47 -12.01
CA GLY A 25 -6.96 8.23 -12.31
C GLY A 25 -6.65 7.85 -13.76
N GLU A 26 -5.43 8.14 -14.18
CA GLU A 26 -4.93 7.79 -15.51
C GLU A 26 -5.40 6.41 -15.93
N ALA A 27 -5.20 5.42 -15.07
CA ALA A 27 -5.43 4.03 -15.44
C ALA A 27 -6.90 3.81 -15.74
N ALA A 28 -7.75 4.40 -14.90
CA ALA A 28 -9.17 4.28 -15.07
C ALA A 28 -9.58 4.92 -16.39
N ARG A 29 -8.95 6.04 -16.72
CA ARG A 29 -9.36 6.81 -17.86
C ARG A 29 -9.02 6.10 -19.14
N VAL A 30 -7.81 5.56 -19.23
CA VAL A 30 -7.38 4.81 -20.42
C VAL A 30 -8.14 3.49 -20.54
N TRP A 31 -8.49 2.90 -19.41
CA TRP A 31 -9.32 1.71 -19.43
C TRP A 31 -10.74 1.98 -19.89
N GLN A 32 -11.27 3.17 -19.60
CA GLN A 32 -12.61 3.54 -20.08
C GLN A 32 -12.67 3.59 -21.59
N LEU A 33 -11.55 3.98 -22.21
CA LEU A 33 -11.45 3.96 -23.66
C LEU A 33 -11.41 2.58 -24.25
N TYR A 34 -10.74 1.65 -23.55
CA TYR A 34 -10.63 0.26 -24.01
C TYR A 34 -11.99 -0.40 -23.97
N ILE A 35 -12.75 -0.22 -22.89
CA ILE A 35 -14.08 -0.85 -22.83
C ILE A 35 -15.12 -0.18 -23.72
N GLY A 36 -14.90 1.07 -24.07
CA GLY A 36 -15.72 1.76 -25.06
C GLY A 36 -15.43 1.40 -26.50
N ASP A 37 -14.31 0.71 -26.74
CA ASP A 37 -13.86 0.37 -28.10
C ASP A 37 -14.63 -0.80 -28.69
N THR A 38 -15.93 -0.61 -28.82
CA THR A 38 -16.83 -1.68 -29.22
C THR A 38 -17.96 -1.25 -30.18
N ARG A 39 -17.83 -0.09 -30.80
CA ARG A 39 -18.84 0.33 -31.77
C ARG A 39 -18.63 -0.22 -33.20
N SER A 40 -17.69 -1.15 -33.34
CA SER A 40 -17.49 -1.96 -34.56
C SER A 40 -17.56 -3.46 -34.21
N ARG A 41 -18.77 -3.96 -34.03
CA ARG A 41 -19.05 -5.38 -33.83
C ARG A 41 -18.86 -6.04 -35.16
N THR A 42 -18.23 -7.21 -35.21
CA THR A 42 -17.93 -7.78 -36.52
C THR A 42 -19.20 -8.35 -37.11
N ALA A 43 -19.39 -8.17 -38.42
CA ALA A 43 -20.50 -8.84 -39.12
C ALA A 43 -20.53 -10.36 -38.90
N GLU A 44 -19.33 -10.95 -38.86
CA GLU A 44 -19.13 -12.38 -38.67
C GLU A 44 -19.63 -12.84 -37.28
N TYR A 45 -19.38 -12.04 -36.25
CA TYR A 45 -19.87 -12.36 -34.91
C TYR A 45 -21.40 -12.40 -34.89
N LYS A 46 -22.01 -11.32 -35.35
CA LYS A 46 -23.45 -11.13 -35.31
C LYS A 46 -24.15 -12.25 -36.03
N ALA A 47 -23.76 -12.46 -37.28
CA ALA A 47 -24.40 -13.47 -38.07
C ALA A 47 -24.33 -14.83 -37.38
N TRP A 48 -23.18 -15.14 -36.80
CA TRP A 48 -23.03 -16.45 -36.17
C TRP A 48 -23.96 -16.62 -34.95
N LEU A 49 -23.93 -15.65 -34.04
CA LEU A 49 -24.72 -15.76 -32.82
C LEU A 49 -26.21 -15.72 -33.15
N LEU A 50 -26.62 -14.78 -33.99
CA LEU A 50 -28.02 -14.70 -34.36
C LEU A 50 -28.39 -16.01 -35.03
N GLY A 51 -27.56 -16.42 -36.00
CA GLY A 51 -27.78 -17.69 -36.66
C GLY A 51 -27.96 -18.82 -35.67
N LEU A 52 -27.14 -18.87 -34.65
CA LEU A 52 -27.20 -19.97 -33.67
C LEU A 52 -28.49 -19.99 -32.90
N LEU A 53 -28.90 -18.82 -32.43
CA LEU A 53 -30.09 -18.71 -31.58
C LEU A 53 -31.37 -18.97 -32.38
N ARG A 54 -31.41 -18.50 -33.63
CA ARG A 54 -32.58 -18.72 -34.49
C ARG A 54 -32.68 -20.21 -34.79
N GLN A 55 -31.57 -20.80 -35.18
CA GLN A 55 -31.48 -22.22 -35.48
C GLN A 55 -32.05 -23.07 -34.33
N HIS A 56 -31.75 -22.70 -33.08
CA HIS A 56 -32.20 -23.51 -31.89
C HIS A 56 -33.51 -23.04 -31.31
N GLY A 57 -34.13 -22.06 -31.96
CA GLY A 57 -35.43 -21.56 -31.57
C GLY A 57 -35.49 -20.87 -30.25
N CYS A 58 -34.36 -20.29 -29.78
CA CYS A 58 -34.32 -19.60 -28.48
C CYS A 58 -35.03 -18.24 -28.46
N HIS A 59 -35.74 -17.94 -27.36
CA HIS A 59 -36.35 -16.64 -27.20
C HIS A 59 -35.87 -15.94 -25.94
N ARG A 60 -35.99 -16.60 -24.78
CA ARG A 60 -35.49 -16.05 -23.53
C ARG A 60 -34.03 -16.36 -23.42
N VAL A 61 -33.21 -15.32 -23.46
CA VAL A 61 -31.77 -15.47 -23.27
C VAL A 61 -31.31 -14.78 -21.97
N LEU A 62 -30.42 -15.45 -21.23
CA LEU A 62 -29.67 -14.83 -20.11
C LEU A 62 -28.21 -14.58 -20.53
N ASP A 63 -27.75 -13.33 -20.41
CA ASP A 63 -26.35 -12.96 -20.65
C ASP A 63 -25.72 -12.73 -19.29
N VAL A 64 -24.81 -13.63 -18.86
CA VAL A 64 -24.28 -13.60 -17.50
C VAL A 64 -22.95 -12.85 -17.35
N ALA A 65 -22.53 -12.14 -18.40
CA ALA A 65 -21.31 -11.33 -18.41
C ALA A 65 -21.62 -10.06 -19.19
N CYS A 66 -22.66 -9.41 -18.74
CA CYS A 66 -23.25 -8.29 -19.38
C CYS A 66 -22.24 -7.19 -19.76
N GLY A 67 -21.36 -6.84 -18.81
CA GLY A 67 -20.51 -5.65 -18.95
C GLY A 67 -21.27 -4.39 -19.34
N THR A 68 -20.76 -3.69 -20.36
CA THR A 68 -21.42 -2.49 -20.85
C THR A 68 -22.72 -2.75 -21.64
N GLY A 69 -23.03 -4.01 -21.95
CA GLY A 69 -24.30 -4.40 -22.60
C GLY A 69 -24.31 -4.58 -24.12
N VAL A 70 -23.14 -4.51 -24.75
CA VAL A 70 -23.08 -4.57 -26.20
C VAL A 70 -23.63 -5.85 -26.82
N ASP A 71 -23.28 -7.01 -26.30
CA ASP A 71 -23.93 -8.25 -26.81
C ASP A 71 -25.43 -8.28 -26.51
N SER A 72 -25.81 -7.87 -25.31
CA SER A 72 -27.20 -7.86 -24.96
C SER A 72 -27.99 -6.90 -25.82
N ILE A 73 -27.42 -5.74 -26.13
CA ILE A 73 -28.16 -4.68 -26.84
C ILE A 73 -28.63 -5.20 -28.18
N MET A 74 -27.76 -5.92 -28.87
CA MET A 74 -28.10 -6.48 -30.17
C MET A 74 -29.31 -7.42 -30.08
N LEU A 75 -29.19 -8.37 -29.16
CA LEU A 75 -30.27 -9.27 -28.85
C LEU A 75 -31.60 -8.56 -28.52
N VAL A 76 -31.53 -7.44 -27.78
CA VAL A 76 -32.74 -6.66 -27.55
C VAL A 76 -33.26 -6.16 -28.91
N GLU A 77 -32.39 -5.55 -29.68
CA GLU A 77 -32.80 -5.01 -30.98
C GLU A 77 -33.34 -6.11 -31.91
N GLU A 78 -32.90 -7.36 -31.76
CA GLU A 78 -33.41 -8.47 -32.60
C GLU A 78 -34.57 -9.29 -31.98
N GLY A 79 -35.17 -8.76 -30.90
CA GLY A 79 -36.47 -9.19 -30.47
C GLY A 79 -36.47 -10.39 -29.54
N PHE A 80 -35.30 -10.71 -28.97
CA PHE A 80 -35.22 -11.72 -27.90
C PHE A 80 -35.66 -11.09 -26.58
N SER A 81 -36.06 -11.93 -25.62
CA SER A 81 -36.41 -11.45 -24.29
C SER A 81 -35.15 -11.68 -23.49
N VAL A 82 -34.53 -10.58 -23.05
CA VAL A 82 -33.16 -10.60 -22.55
C VAL A 82 -33.05 -10.27 -21.07
N THR A 83 -32.29 -11.07 -20.35
CA THR A 83 -31.92 -10.74 -19.01
C THR A 83 -30.41 -10.63 -18.95
N SER A 84 -29.89 -9.51 -18.47
CA SER A 84 -28.44 -9.29 -18.48
C SER A 84 -27.95 -9.03 -17.07
N VAL A 85 -26.84 -9.66 -16.73
CA VAL A 85 -26.41 -9.76 -15.38
C VAL A 85 -24.89 -9.60 -15.37
N ASP A 86 -24.40 -8.84 -14.39
CA ASP A 86 -22.96 -8.72 -14.20
C ASP A 86 -22.70 -8.49 -12.73
N ALA A 87 -21.46 -8.80 -12.34
CA ALA A 87 -21.00 -8.68 -10.97
C ALA A 87 -20.36 -7.33 -10.77
N SER A 88 -19.93 -6.71 -11.86
CA SER A 88 -19.31 -5.41 -11.80
C SER A 88 -20.33 -4.29 -12.03
N ASP A 89 -20.58 -3.49 -11.00
CA ASP A 89 -21.38 -2.24 -11.14
C ASP A 89 -20.73 -1.21 -12.05
N LYS A 90 -19.41 -1.10 -12.02
CA LYS A 90 -18.74 -0.13 -12.89
C LYS A 90 -19.08 -0.32 -14.35
N MET A 91 -19.11 -1.56 -14.80
CA MET A 91 -19.42 -1.82 -16.21
C MET A 91 -20.90 -1.77 -16.46
N LEU A 92 -21.69 -2.37 -15.60
CA LEU A 92 -23.15 -2.32 -15.64
C LEU A 92 -23.67 -0.90 -15.80
N LYS A 93 -23.05 0.08 -15.20
CA LYS A 93 -23.48 1.47 -15.37
C LYS A 93 -23.68 1.87 -16.82
N TYR A 94 -22.90 1.31 -17.73
CA TYR A 94 -23.00 1.71 -19.15
C TYR A 94 -24.18 1.09 -19.86
N ALA A 95 -24.49 -0.15 -19.46
CA ALA A 95 -25.67 -0.87 -19.99
C ALA A 95 -26.93 -0.18 -19.48
N LEU A 96 -27.04 0.08 -18.17
CA LEU A 96 -28.23 0.79 -17.61
C LEU A 96 -28.45 2.13 -18.33
N LYS A 97 -27.35 2.82 -18.56
CA LYS A 97 -27.36 4.14 -19.17
C LYS A 97 -28.03 4.08 -20.56
N GLU A 98 -27.57 3.16 -21.39
CA GLU A 98 -28.11 2.96 -22.71
C GLU A 98 -29.60 2.59 -22.67
N ARG A 99 -29.99 1.70 -21.77
CA ARG A 99 -31.39 1.36 -21.63
C ARG A 99 -32.21 2.60 -21.38
N TRP A 100 -31.74 3.42 -20.44
CA TRP A 100 -32.44 4.62 -20.04
C TRP A 100 -32.61 5.51 -21.22
N ASN A 101 -31.53 5.73 -21.98
CA ASN A 101 -31.59 6.60 -23.15
C ASN A 101 -32.60 6.11 -24.21
N ARG A 102 -32.80 4.81 -24.25
CA ARG A 102 -33.72 4.19 -25.19
C ARG A 102 -34.97 3.61 -24.52
N ARG A 103 -35.28 4.06 -23.30
CA ARG A 103 -36.43 3.55 -22.55
C ARG A 103 -37.75 3.68 -23.32
N LYS A 104 -37.88 4.66 -24.21
CA LYS A 104 -39.15 4.87 -24.92
C LYS A 104 -39.42 3.85 -26.03
N GLU A 105 -38.39 3.09 -26.45
CA GLU A 105 -38.59 1.94 -27.33
C GLU A 105 -39.00 0.73 -26.51
N PRO A 106 -40.21 0.20 -26.73
CA PRO A 106 -40.71 -0.92 -25.93
C PRO A 106 -39.75 -2.08 -25.70
N ALA A 107 -38.91 -2.40 -26.68
CA ALA A 107 -37.96 -3.51 -26.51
C ALA A 107 -36.98 -3.22 -25.34
N PHE A 108 -36.50 -2.00 -25.26
CA PHE A 108 -35.57 -1.60 -24.22
C PHE A 108 -36.24 -1.44 -22.86
N ASP A 109 -37.45 -0.95 -22.88
CA ASP A 109 -38.23 -0.91 -21.68
C ASP A 109 -38.34 -2.31 -21.07
N LYS A 110 -38.40 -3.31 -21.93
CA LYS A 110 -38.57 -4.68 -21.47
C LYS A 110 -37.25 -5.35 -21.02
N TRP A 111 -36.11 -4.71 -21.27
CA TRP A 111 -34.80 -5.32 -21.02
C TRP A 111 -34.43 -5.40 -19.53
N VAL A 112 -34.07 -6.57 -19.05
CA VAL A 112 -33.79 -6.75 -17.62
C VAL A 112 -32.30 -6.79 -17.32
N ILE A 113 -31.86 -5.90 -16.42
CA ILE A 113 -30.45 -5.71 -16.12
C ILE A 113 -30.26 -5.68 -14.63
N GLU A 114 -29.40 -6.53 -14.11
CA GLU A 114 -29.31 -6.77 -12.64
C GLU A 114 -27.93 -7.21 -12.21
N GLU A 115 -27.52 -6.84 -11.00
CA GLU A 115 -26.27 -7.36 -10.43
C GLU A 115 -26.45 -8.83 -10.10
N ALA A 116 -25.47 -9.66 -10.43
CA ALA A 116 -25.39 -11.07 -9.92
C ALA A 116 -23.96 -11.54 -10.09
N ASN A 117 -23.58 -12.52 -9.27
CA ASN A 117 -22.26 -13.08 -9.22
C ASN A 117 -22.37 -14.58 -9.57
N TRP A 118 -21.45 -15.07 -10.40
CA TRP A 118 -21.50 -16.46 -10.83
C TRP A 118 -21.49 -17.43 -9.65
N LEU A 119 -20.85 -17.04 -8.56
CA LEU A 119 -20.69 -17.93 -7.38
C LEU A 119 -21.94 -17.96 -6.50
N THR A 120 -22.86 -17.02 -6.72
CA THR A 120 -24.16 -17.00 -6.02
C THR A 120 -25.36 -16.85 -6.99
N LEU A 121 -25.19 -17.37 -8.21
CA LEU A 121 -26.17 -17.11 -9.30
C LEU A 121 -27.51 -17.80 -9.03
N ASP A 122 -27.47 -18.93 -8.35
CA ASP A 122 -28.68 -19.64 -7.96
C ASP A 122 -29.59 -18.70 -7.17
N LYS A 123 -29.03 -18.00 -6.19
CA LYS A 123 -29.76 -17.04 -5.38
C LYS A 123 -30.04 -15.71 -6.11
N ASP A 124 -29.09 -15.22 -6.91
CA ASP A 124 -29.17 -13.88 -7.49
C ASP A 124 -30.13 -13.75 -8.68
N VAL A 125 -30.33 -14.81 -9.45
CA VAL A 125 -31.18 -14.76 -10.66
C VAL A 125 -32.37 -15.74 -10.66
N PRO A 126 -33.61 -15.23 -10.68
CA PRO A 126 -34.78 -16.07 -10.98
C PRO A 126 -34.70 -16.73 -12.38
N ALA A 127 -34.62 -18.06 -12.42
CA ALA A 127 -34.49 -18.81 -13.68
C ALA A 127 -35.71 -19.66 -14.05
N GLY A 128 -36.67 -19.83 -13.14
CA GLY A 128 -37.80 -20.72 -13.40
C GLY A 128 -37.38 -22.09 -13.90
N ASP A 129 -38.04 -22.53 -14.98
CA ASP A 129 -37.66 -23.77 -15.71
C ASP A 129 -36.27 -23.63 -16.42
N GLY A 130 -35.77 -22.39 -16.52
CA GLY A 130 -34.49 -22.11 -17.17
C GLY A 130 -34.56 -21.19 -18.40
N PHE A 131 -33.44 -20.70 -18.83
CA PHE A 131 -33.42 -19.91 -20.03
C PHE A 131 -33.21 -20.78 -21.27
N ASP A 132 -33.64 -20.28 -22.43
CA ASP A 132 -33.43 -20.99 -23.68
C ASP A 132 -31.97 -21.02 -24.02
N ALA A 133 -31.30 -19.88 -23.83
CA ALA A 133 -29.86 -19.85 -24.05
C ALA A 133 -29.21 -18.93 -23.04
N VAL A 134 -28.05 -19.35 -22.55
CA VAL A 134 -27.26 -18.56 -21.61
C VAL A 134 -25.93 -18.26 -22.33
N ILE A 135 -25.53 -16.99 -22.39
CA ILE A 135 -24.27 -16.66 -23.03
C ILE A 135 -23.25 -16.03 -22.07
N CYS A 136 -21.98 -16.32 -22.33
CA CYS A 136 -20.84 -15.79 -21.57
C CYS A 136 -19.74 -15.64 -22.58
N LEU A 137 -19.81 -14.58 -23.35
CA LEU A 137 -18.84 -14.36 -24.43
C LEU A 137 -17.80 -13.28 -24.12
N GLY A 138 -16.82 -13.14 -24.99
CA GLY A 138 -15.80 -12.09 -24.83
C GLY A 138 -14.65 -12.44 -23.89
N ASN A 139 -14.48 -13.74 -23.61
CA ASN A 139 -13.38 -14.24 -22.78
C ASN A 139 -13.56 -13.74 -21.35
N SER A 140 -14.80 -13.62 -20.93
CA SER A 140 -15.06 -13.06 -19.64
C SER A 140 -14.86 -14.05 -18.54
N PHE A 141 -15.08 -15.34 -18.78
CA PHE A 141 -14.97 -16.32 -17.72
C PHE A 141 -13.59 -16.32 -17.11
N ALA A 142 -12.57 -16.15 -17.96
CA ALA A 142 -11.17 -16.14 -17.58
C ALA A 142 -10.80 -14.99 -16.64
N HIS A 143 -11.72 -14.01 -16.49
CA HIS A 143 -11.50 -12.96 -15.50
C HIS A 143 -11.56 -13.49 -14.06
N LEU A 144 -12.15 -14.66 -13.83
CA LEU A 144 -12.27 -15.27 -12.49
C LEU A 144 -11.04 -16.07 -12.17
N PRO A 145 -10.19 -15.60 -11.26
CA PRO A 145 -8.96 -16.31 -10.99
C PRO A 145 -9.15 -17.45 -10.06
N ASP A 146 -8.12 -18.30 -9.91
CA ASP A 146 -8.15 -19.41 -8.98
C ASP A 146 -7.35 -18.98 -7.74
N SER A 147 -8.03 -18.30 -6.82
CA SER A 147 -7.42 -17.82 -5.59
C SER A 147 -7.28 -18.95 -4.60
N LYS A 148 -8.25 -19.87 -4.59
CA LYS A 148 -8.19 -21.01 -3.67
C LYS A 148 -7.15 -22.09 -4.07
N GLY A 149 -6.67 -22.06 -5.32
CA GLY A 149 -5.64 -23.01 -5.78
C GLY A 149 -6.10 -24.33 -6.39
N ASP A 150 -7.37 -24.72 -6.18
CA ASP A 150 -7.89 -26.03 -6.63
C ASP A 150 -8.92 -25.91 -7.81
N GLN A 151 -9.04 -24.72 -8.37
CA GLN A 151 -10.05 -24.38 -9.35
C GLN A 151 -11.49 -24.60 -8.84
N SER A 152 -11.67 -24.78 -7.53
CA SER A 152 -13.01 -24.95 -6.95
C SER A 152 -13.98 -23.81 -7.28
N GLU A 153 -13.48 -22.59 -7.42
CA GLU A 153 -14.33 -21.44 -7.78
C GLU A 153 -14.73 -21.53 -9.25
N HIS A 154 -13.82 -22.04 -10.08
CA HIS A 154 -14.11 -22.27 -11.49
C HIS A 154 -15.27 -23.27 -11.63
N ARG A 155 -15.18 -24.38 -10.92
CA ARG A 155 -16.28 -25.37 -10.95
C ARG A 155 -17.59 -24.81 -10.43
N LEU A 156 -17.59 -24.08 -9.32
CA LEU A 156 -18.82 -23.58 -8.77
C LEU A 156 -19.53 -22.62 -9.73
N ALA A 157 -18.74 -21.72 -10.32
CA ALA A 157 -19.22 -20.69 -11.23
C ALA A 157 -19.88 -21.41 -12.40
N LEU A 158 -19.19 -22.43 -12.93
CA LEU A 158 -19.70 -23.13 -14.10
C LEU A 158 -20.97 -23.92 -13.76
N LYS A 159 -20.98 -24.56 -12.59
CA LYS A 159 -22.16 -25.32 -12.19
C LYS A 159 -23.33 -24.38 -12.06
N ASN A 160 -23.14 -23.19 -11.51
CA ASN A 160 -24.24 -22.26 -11.34
C ASN A 160 -24.73 -21.74 -12.72
N ILE A 161 -23.78 -21.37 -13.57
CA ILE A 161 -24.08 -20.92 -14.90
C ILE A 161 -24.79 -22.05 -15.67
N ALA A 162 -24.32 -23.26 -15.54
CA ALA A 162 -24.99 -24.30 -16.24
C ALA A 162 -26.40 -24.52 -15.69
N SER A 163 -26.63 -24.22 -14.42
CA SER A 163 -27.94 -24.54 -13.86
C SER A 163 -29.02 -23.54 -14.29
N MET A 164 -28.64 -22.49 -15.01
CA MET A 164 -29.58 -21.54 -15.54
C MET A 164 -30.20 -22.04 -16.82
N VAL A 165 -29.59 -23.06 -17.42
CA VAL A 165 -29.98 -23.50 -18.75
C VAL A 165 -31.13 -24.44 -18.59
N ARG A 166 -32.25 -24.24 -19.30
CA ARG A 166 -33.30 -25.23 -19.21
C ARG A 166 -32.92 -26.54 -19.90
N PRO A 167 -33.59 -27.65 -19.57
CA PRO A 167 -33.40 -28.90 -20.35
C PRO A 167 -33.64 -28.70 -21.85
N GLY A 168 -32.68 -29.16 -22.66
CA GLY A 168 -32.69 -28.93 -24.13
C GLY A 168 -32.11 -27.57 -24.53
N GLY A 169 -31.81 -26.74 -23.53
CA GLY A 169 -31.34 -25.38 -23.79
C GLY A 169 -29.85 -25.34 -24.07
N LEU A 170 -29.39 -24.13 -24.32
CA LEU A 170 -28.07 -23.91 -24.87
C LEU A 170 -27.24 -23.06 -23.90
N LEU A 171 -25.97 -23.44 -23.71
CA LEU A 171 -24.93 -22.59 -23.06
C LEU A 171 -23.86 -22.31 -24.12
N VAL A 172 -23.64 -21.03 -24.41
CA VAL A 172 -22.51 -20.61 -25.25
C VAL A 172 -21.49 -19.85 -24.40
N ILE A 173 -20.28 -20.39 -24.31
CA ILE A 173 -19.25 -19.84 -23.44
C ILE A 173 -17.89 -19.98 -24.08
N ASP A 174 -17.13 -18.87 -24.13
CA ASP A 174 -15.82 -18.88 -24.74
C ASP A 174 -14.63 -18.64 -23.82
N HIS A 175 -13.47 -18.97 -24.35
CA HIS A 175 -12.21 -18.46 -23.82
C HIS A 175 -11.24 -18.18 -24.95
N ARG A 176 -10.28 -17.34 -24.66
CA ARG A 176 -9.25 -17.05 -25.64
C ARG A 176 -8.33 -18.27 -25.79
N ASN A 177 -7.57 -18.35 -26.87
CA ASN A 177 -6.71 -19.49 -27.10
C ASN A 177 -5.51 -19.36 -26.21
N TYR A 178 -5.62 -19.89 -25.00
CA TYR A 178 -4.54 -19.79 -24.05
C TYR A 178 -3.49 -20.88 -24.24
N ASP A 179 -3.75 -21.84 -25.12
CA ASP A 179 -2.77 -22.86 -25.43
C ASP A 179 -1.61 -22.19 -26.21
N TYR A 180 -2.00 -21.43 -27.23
CA TYR A 180 -1.10 -20.61 -28.01
C TYR A 180 -0.33 -19.59 -27.15
N ILE A 181 -1.06 -18.83 -26.33
CA ILE A 181 -0.44 -17.77 -25.54
C ILE A 181 0.61 -18.33 -24.59
N LEU A 182 0.29 -19.44 -23.93
CA LEU A 182 1.27 -20.14 -23.08
C LEU A 182 2.53 -20.61 -23.87
N SER A 183 2.35 -21.27 -25.02
CA SER A 183 3.50 -21.80 -25.76
C SER A 183 4.35 -20.71 -26.40
N THR A 184 3.76 -19.57 -26.75
CA THR A 184 4.53 -18.43 -27.34
C THR A 184 4.90 -17.31 -26.36
N GLY A 185 4.21 -17.23 -25.23
CA GLY A 185 4.43 -16.16 -24.25
C GLY A 185 3.90 -14.79 -24.66
N CYS A 186 3.23 -14.72 -25.81
CA CYS A 186 2.79 -13.44 -26.38
C CYS A 186 1.28 -13.49 -26.60
N ALA A 187 0.62 -12.40 -26.22
CA ALA A 187 -0.85 -12.24 -26.41
C ALA A 187 -1.07 -11.07 -27.35
N PRO A 188 -1.00 -11.35 -28.68
CA PRO A 188 -1.04 -10.30 -29.70
C PRO A 188 -2.30 -9.41 -29.56
N PRO A 189 -2.17 -8.10 -29.82
CA PRO A 189 -3.27 -7.13 -29.76
C PRO A 189 -4.09 -6.98 -31.04
N GLY A 190 -5.38 -6.66 -30.91
CA GLY A 190 -6.26 -6.43 -32.08
C GLY A 190 -6.90 -7.67 -32.69
N LYS A 191 -6.66 -8.84 -32.08
CA LYS A 191 -7.16 -10.12 -32.56
C LYS A 191 -8.62 -10.43 -32.14
N ASN A 192 -9.32 -9.46 -31.53
CA ASN A 192 -10.71 -9.60 -31.05
C ASN A 192 -11.64 -9.80 -32.24
N ILE A 193 -12.18 -11.02 -32.39
CA ILE A 193 -13.02 -11.36 -33.55
C ILE A 193 -14.49 -10.98 -33.33
N TYR A 194 -14.82 -10.56 -32.11
CA TYR A 194 -16.16 -10.08 -31.82
C TYR A 194 -16.32 -8.62 -32.21
N TYR A 195 -15.30 -7.82 -31.93
CA TYR A 195 -15.33 -6.38 -32.17
C TYR A 195 -14.00 -5.95 -32.73
N LYS A 196 -14.02 -5.21 -33.85
CA LYS A 196 -12.82 -4.71 -34.50
C LYS A 196 -12.35 -3.52 -33.70
N SER A 197 -11.12 -3.57 -33.21
CA SER A 197 -10.54 -2.50 -32.43
C SER A 197 -10.29 -1.30 -33.32
N ASP A 198 -10.78 -0.15 -32.90
CA ASP A 198 -10.50 1.11 -33.59
C ASP A 198 -9.65 1.97 -32.65
N LEU A 199 -8.64 1.33 -32.06
CA LEU A 199 -7.80 1.91 -31.01
C LEU A 199 -6.49 1.14 -30.92
N THR A 200 -5.38 1.86 -31.06
CA THR A 200 -4.06 1.24 -31.12
C THR A 200 -3.56 0.93 -29.69
N LYS A 201 -3.11 -0.30 -29.44
CA LYS A 201 -2.57 -0.65 -28.11
C LYS A 201 -1.32 -1.55 -28.20
N ASP A 202 -0.22 -1.12 -27.57
CA ASP A 202 0.96 -1.96 -27.41
C ASP A 202 0.72 -2.74 -26.14
N ILE A 203 1.03 -4.03 -26.15
CA ILE A 203 0.70 -4.90 -25.05
C ILE A 203 1.93 -5.62 -24.60
N THR A 204 2.17 -5.63 -23.29
CA THR A 204 3.17 -6.52 -22.71
C THR A 204 2.47 -7.66 -22.03
N THR A 205 3.01 -8.87 -22.18
CA THR A 205 2.34 -10.08 -21.73
C THR A 205 3.17 -10.76 -20.66
N SER A 206 2.60 -10.94 -19.47
CA SER A 206 3.29 -11.62 -18.41
C SER A 206 2.62 -12.93 -18.10
N VAL A 207 3.36 -14.05 -18.08
CA VAL A 207 2.77 -15.34 -17.67
C VAL A 207 3.38 -15.81 -16.36
N LEU A 208 2.52 -16.18 -15.40
CA LEU A 208 3.02 -16.68 -14.13
C LEU A 208 2.69 -18.15 -14.03
N THR A 209 3.71 -18.94 -13.73
CA THR A 209 3.58 -20.38 -13.58
C THR A 209 4.04 -20.74 -12.17
N VAL A 210 3.21 -21.47 -11.45
CA VAL A 210 3.45 -21.78 -10.06
C VAL A 210 3.53 -23.29 -9.90
N ASN A 211 4.68 -23.78 -9.45
CA ASN A 211 4.88 -25.23 -9.33
C ASN A 211 4.54 -25.97 -10.62
N ASN A 212 4.90 -25.32 -11.73
CA ASN A 212 4.87 -25.88 -13.07
C ASN A 212 3.49 -25.91 -13.71
N LYS A 213 2.55 -25.19 -13.12
CA LYS A 213 1.19 -25.07 -13.66
C LYS A 213 0.89 -23.59 -13.89
N ALA A 214 0.50 -23.24 -15.11
CA ALA A 214 0.11 -21.88 -15.45
C ALA A 214 -0.97 -21.41 -14.48
N HIS A 215 -0.87 -20.17 -14.03
CA HIS A 215 -1.71 -19.67 -12.93
C HIS A 215 -2.39 -18.37 -13.28
N MET A 216 -1.73 -17.56 -14.12
CA MET A 216 -2.19 -16.21 -14.44
C MET A 216 -1.51 -15.62 -15.64
N VAL A 217 -2.24 -14.83 -16.38
CA VAL A 217 -1.70 -14.12 -17.51
C VAL A 217 -2.06 -12.71 -17.23
N THR A 218 -1.05 -11.83 -17.13
CA THR A 218 -1.30 -10.41 -16.96
C THR A 218 -0.88 -9.64 -18.22
N LEU A 219 -1.82 -8.88 -18.79
CA LEU A 219 -1.57 -7.98 -19.88
C LEU A 219 -1.44 -6.54 -19.35
N ASP A 220 -0.37 -5.86 -19.71
CA ASP A 220 -0.16 -4.47 -19.36
C ASP A 220 -0.38 -3.71 -20.65
N TYR A 221 -1.41 -2.87 -20.73
CA TYR A 221 -1.74 -2.24 -21.99
C TYR A 221 -1.24 -0.82 -21.94
N THR A 222 -0.53 -0.43 -23.00
CA THR A 222 -0.02 0.92 -23.16
C THR A 222 -0.80 1.56 -24.29
N VAL A 223 -1.33 2.76 -24.06
CA VAL A 223 -2.23 3.38 -25.02
C VAL A 223 -1.90 4.86 -25.07
N GLN A 224 -1.51 5.34 -26.25
CA GLN A 224 -1.26 6.76 -26.48
C GLN A 224 -2.61 7.50 -26.55
N VAL A 225 -2.57 8.75 -26.08
CA VAL A 225 -3.75 9.58 -25.72
C VAL A 225 -3.50 10.12 -24.30
N GLY A 235 2.76 11.09 -24.43
CA GLY A 235 1.43 10.76 -23.91
C GLY A 235 1.10 9.27 -23.87
N PHE A 236 1.66 8.57 -22.88
CA PHE A 236 1.38 7.15 -22.66
C PHE A 236 0.71 6.99 -21.32
N SER A 237 -0.44 6.30 -21.32
CA SER A 237 -1.04 5.84 -20.09
C SER A 237 -1.23 4.35 -20.13
N LYS A 238 -1.09 3.73 -18.98
CA LYS A 238 -1.03 2.30 -18.86
C LYS A 238 -2.13 1.81 -17.94
N PHE A 239 -2.64 0.64 -18.27
CA PHE A 239 -3.42 -0.12 -17.31
C PHE A 239 -3.20 -1.61 -17.46
N ARG A 240 -3.76 -2.38 -16.56
CA ARG A 240 -3.37 -3.75 -16.42
C ARG A 240 -4.59 -4.55 -16.05
N LEU A 241 -4.77 -5.67 -16.73
CA LEU A 241 -5.82 -6.62 -16.42
C LEU A 241 -5.18 -7.98 -16.37
N SER A 242 -5.80 -8.90 -15.63
CA SER A 242 -5.31 -10.26 -15.51
C SER A 242 -6.37 -11.37 -15.74
N TYR A 243 -5.90 -12.56 -16.08
CA TYR A 243 -6.74 -13.58 -16.67
C TYR A 243 -6.30 -14.93 -16.18
N TYR A 244 -7.17 -15.93 -16.17
CA TYR A 244 -6.72 -17.28 -15.86
C TYR A 244 -6.56 -17.97 -17.19
N PRO A 245 -5.44 -18.66 -17.45
CA PRO A 245 -5.24 -19.15 -18.79
C PRO A 245 -5.76 -20.58 -18.95
N HIS A 246 -7.02 -20.67 -19.32
CA HIS A 246 -7.68 -21.95 -19.52
C HIS A 246 -7.25 -22.59 -20.81
N CYS A 247 -6.69 -23.79 -20.71
CA CYS A 247 -6.37 -24.58 -21.89
C CYS A 247 -7.64 -25.32 -22.32
N LEU A 248 -7.71 -25.63 -23.62
CA LEU A 248 -8.89 -26.24 -24.24
C LEU A 248 -9.27 -27.54 -23.59
N ALA A 249 -8.30 -28.39 -23.33
CA ALA A 249 -8.56 -29.73 -22.82
C ALA A 249 -9.14 -29.70 -21.40
N SER A 250 -8.55 -28.84 -20.56
CA SER A 250 -9.06 -28.64 -19.19
C SER A 250 -10.44 -28.01 -19.21
N PHE A 251 -10.60 -26.95 -19.99
CA PHE A 251 -11.90 -26.24 -20.03
C PHE A 251 -13.04 -27.10 -20.54
N THR A 252 -12.77 -27.87 -21.61
CA THR A 252 -13.73 -28.85 -22.13
C THR A 252 -14.16 -29.78 -21.01
N GLU A 253 -13.20 -30.26 -20.20
CA GLU A 253 -13.55 -31.14 -19.06
C GLU A 253 -14.40 -30.38 -18.03
N LEU A 254 -13.93 -29.20 -17.62
CA LEU A 254 -14.64 -28.38 -16.64
C LEU A 254 -16.08 -28.06 -17.07
N VAL A 255 -16.28 -27.70 -18.33
CA VAL A 255 -17.62 -27.24 -18.72
C VAL A 255 -18.62 -28.38 -18.79
N GLN A 256 -18.15 -29.58 -19.11
CA GLN A 256 -19.04 -30.74 -19.14
C GLN A 256 -19.35 -31.26 -17.76
N GLU A 257 -18.33 -31.33 -16.92
CA GLU A 257 -18.51 -31.61 -15.48
C GLU A 257 -19.63 -30.73 -14.91
N ALA A 258 -19.71 -29.50 -15.39
CA ALA A 258 -20.67 -28.52 -14.89
C ALA A 258 -22.11 -28.96 -15.08
N PHE A 259 -22.35 -29.68 -16.17
CA PHE A 259 -23.64 -30.31 -16.41
C PHE A 259 -23.72 -31.76 -15.93
N GLY A 260 -22.82 -32.16 -15.03
CA GLY A 260 -22.74 -33.54 -14.57
C GLY A 260 -22.73 -34.53 -15.71
N GLY A 261 -22.00 -34.21 -16.78
CA GLY A 261 -21.94 -35.06 -17.98
C GLY A 261 -23.15 -35.05 -18.94
N ARG A 262 -24.25 -34.42 -18.54
CA ARG A 262 -25.53 -34.61 -19.23
C ARG A 262 -25.72 -33.46 -20.20
N CYS A 263 -24.92 -33.50 -21.26
CA CYS A 263 -24.88 -32.46 -22.27
C CYS A 263 -24.22 -32.92 -23.57
N GLN A 264 -24.58 -32.26 -24.67
CA GLN A 264 -23.89 -32.41 -25.93
C GLN A 264 -22.94 -31.24 -25.98
N HIS A 265 -21.74 -31.50 -26.44
CA HIS A 265 -20.69 -30.51 -26.42
C HIS A 265 -20.01 -30.39 -27.77
N SER A 266 -19.79 -29.18 -28.21
CA SER A 266 -18.93 -29.01 -29.36
C SER A 266 -18.11 -27.71 -29.26
N VAL A 267 -16.92 -27.71 -29.86
CA VAL A 267 -15.99 -26.58 -29.80
C VAL A 267 -15.87 -25.88 -31.14
N LEU A 268 -16.09 -24.57 -31.17
CA LEU A 268 -15.83 -23.74 -32.36
C LEU A 268 -14.53 -22.95 -32.24
N GLY A 269 -13.85 -22.74 -33.36
CA GLY A 269 -12.67 -21.91 -33.37
C GLY A 269 -12.97 -20.72 -34.24
N ASP A 270 -13.08 -19.55 -33.63
CA ASP A 270 -13.43 -18.33 -34.38
C ASP A 270 -14.62 -18.59 -35.28
N PHE A 271 -15.69 -19.12 -34.68
CA PHE A 271 -16.99 -19.32 -35.36
C PHE A 271 -17.07 -20.46 -36.35
N LYS A 272 -16.05 -21.29 -36.43
CA LYS A 272 -16.09 -22.41 -37.34
C LYS A 272 -15.75 -23.69 -36.59
N PRO A 273 -16.24 -24.83 -37.10
CA PRO A 273 -15.95 -26.07 -36.42
C PRO A 273 -14.44 -26.20 -36.14
N TYR A 274 -14.10 -26.77 -35.00
CA TYR A 274 -12.71 -27.02 -34.64
C TYR A 274 -12.44 -28.52 -34.60
N ARG A 275 -11.37 -28.95 -35.28
CA ARG A 275 -10.93 -30.33 -35.28
C ARG A 275 -9.51 -30.38 -34.77
N PRO A 276 -9.24 -31.09 -33.65
CA PRO A 276 -7.90 -30.95 -33.05
C PRO A 276 -6.86 -31.21 -34.12
N GLY A 277 -5.69 -30.58 -34.01
CA GLY A 277 -4.62 -30.74 -35.01
C GLY A 277 -4.85 -30.12 -36.38
N GLN A 278 -6.06 -29.60 -36.66
CA GLN A 278 -6.31 -28.80 -37.85
C GLN A 278 -5.23 -27.72 -37.94
N ALA A 279 -5.03 -27.18 -39.13
CA ALA A 279 -3.95 -26.22 -39.37
C ALA A 279 -4.23 -24.85 -38.73
N TYR A 280 -5.45 -24.35 -38.93
CA TYR A 280 -5.82 -23.04 -38.42
C TYR A 280 -5.81 -23.01 -36.90
N VAL A 281 -5.00 -22.11 -36.35
CA VAL A 281 -4.94 -21.85 -34.92
C VAL A 281 -5.86 -20.64 -34.65
N PRO A 282 -6.96 -20.87 -33.92
CA PRO A 282 -7.94 -19.81 -33.75
C PRO A 282 -7.57 -18.90 -32.62
N CYS A 283 -8.08 -17.68 -32.63
CA CYS A 283 -7.87 -16.76 -31.51
C CYS A 283 -8.72 -17.11 -30.29
N TYR A 284 -9.93 -17.63 -30.54
CA TYR A 284 -10.88 -18.00 -29.49
C TYR A 284 -11.49 -19.36 -29.74
N PHE A 285 -11.73 -20.08 -28.65
CA PHE A 285 -12.54 -21.25 -28.66
C PHE A 285 -13.92 -20.87 -28.11
N ILE A 286 -14.98 -21.37 -28.74
CA ILE A 286 -16.34 -21.15 -28.22
C ILE A 286 -16.96 -22.48 -28.00
N HIS A 287 -17.34 -22.75 -26.76
CA HIS A 287 -17.94 -24.02 -26.49
C HIS A 287 -19.43 -23.82 -26.61
N VAL A 288 -20.11 -24.76 -27.31
CA VAL A 288 -21.55 -24.80 -27.41
C VAL A 288 -22.08 -26.05 -26.75
N LEU A 289 -22.92 -25.89 -25.74
CA LEU A 289 -23.42 -27.03 -25.00
C LEU A 289 -24.94 -27.09 -25.02
N LYS A 290 -25.48 -28.24 -25.38
CA LYS A 290 -26.90 -28.46 -25.29
C LYS A 290 -27.11 -29.33 -24.07
N LYS A 291 -27.95 -28.85 -23.16
CA LYS A 291 -28.31 -29.58 -21.95
C LYS A 291 -29.23 -30.76 -22.26
N THR A 292 -28.70 -31.96 -22.02
CA THR A 292 -29.31 -33.23 -22.36
C THR A 292 -30.24 -33.75 -21.23
N GLY A 293 -30.66 -32.84 -20.35
CA GLY A 293 -31.40 -33.15 -19.12
C GLY A 293 -30.98 -32.31 -17.90
N VAL B 2 13.75 -3.91 -6.58
CA VAL B 2 13.84 -4.76 -5.36
C VAL B 2 12.59 -4.70 -4.44
N ASP B 3 11.91 -3.56 -4.37
CA ASP B 3 10.83 -3.41 -3.39
C ASP B 3 9.47 -3.13 -3.98
N SER B 4 9.37 -3.27 -5.29
CA SER B 4 8.15 -2.93 -5.97
C SER B 4 7.17 -4.08 -5.84
N VAL B 5 5.90 -3.73 -6.07
CA VAL B 5 4.76 -4.63 -5.91
C VAL B 5 4.00 -4.84 -7.23
N TYR B 6 3.54 -6.07 -7.45
CA TYR B 6 2.83 -6.46 -8.66
C TYR B 6 1.30 -6.43 -8.37
N ARG B 7 0.53 -5.61 -9.09
CA ARG B 7 -0.91 -5.78 -8.99
C ARG B 7 -1.48 -6.77 -9.98
N THR B 8 -2.58 -7.36 -9.60
CA THR B 8 -3.39 -8.18 -10.51
C THR B 8 -4.10 -7.31 -11.58
N ARG B 9 -4.58 -6.14 -11.15
CA ARG B 9 -5.19 -5.20 -12.05
C ARG B 9 -4.98 -3.80 -11.53
N SER B 10 -4.99 -2.80 -12.41
CA SER B 10 -4.75 -1.42 -11.99
C SER B 10 -5.80 -0.99 -11.02
N LEU B 11 -5.53 0.02 -10.21
CA LEU B 11 -6.52 0.63 -9.36
C LEU B 11 -7.52 1.36 -10.20
N GLY B 12 -8.81 1.22 -9.88
CA GLY B 12 -9.88 1.92 -10.58
C GLY B 12 -10.50 1.16 -11.76
N VAL B 13 -9.97 0.01 -12.08
CA VAL B 13 -10.33 -0.77 -13.25
C VAL B 13 -11.24 -1.96 -12.85
N ALA B 14 -12.14 -2.38 -13.74
CA ALA B 14 -13.14 -3.41 -13.44
C ALA B 14 -13.13 -4.48 -14.52
N ALA B 15 -13.94 -5.51 -14.35
CA ALA B 15 -13.99 -6.60 -15.32
C ALA B 15 -15.29 -7.41 -15.17
N GLU B 16 -15.85 -7.75 -16.33
CA GLU B 16 -17.06 -8.53 -16.40
C GLU B 16 -16.88 -9.73 -15.53
N GLY B 17 -17.90 -10.07 -14.76
CA GLY B 17 -17.90 -11.29 -14.00
C GLY B 17 -17.24 -11.21 -12.62
N ILE B 18 -16.49 -10.17 -12.34
CA ILE B 18 -15.90 -10.06 -11.03
C ILE B 18 -16.30 -8.78 -10.33
N PRO B 19 -16.50 -8.84 -9.02
CA PRO B 19 -16.95 -7.64 -8.36
C PRO B 19 -15.86 -6.58 -8.33
N ASP B 20 -16.24 -5.34 -8.42
CA ASP B 20 -15.28 -4.23 -8.33
C ASP B 20 -14.48 -4.22 -7.02
N GLN B 21 -13.40 -3.47 -7.01
CA GLN B 21 -12.43 -3.45 -5.91
C GLN B 21 -13.01 -3.10 -4.55
N TYR B 22 -12.95 -4.06 -3.63
CA TYR B 22 -13.43 -3.91 -2.26
C TYR B 22 -14.93 -3.67 -2.18
N ALA B 23 -15.66 -3.93 -3.26
CA ALA B 23 -17.11 -3.70 -3.27
C ALA B 23 -17.85 -4.63 -2.32
N ASP B 24 -17.27 -5.78 -2.02
CA ASP B 24 -17.87 -6.77 -1.15
C ASP B 24 -17.16 -6.80 0.20
N GLY B 25 -16.26 -5.87 0.46
CA GLY B 25 -15.63 -5.79 1.75
C GLY B 25 -16.59 -5.52 2.90
N GLU B 26 -16.17 -5.84 4.10
CA GLU B 26 -16.99 -5.61 5.29
C GLU B 26 -17.21 -4.14 5.57
N ALA B 27 -16.18 -3.32 5.39
CA ALA B 27 -16.32 -1.90 5.57
C ALA B 27 -17.37 -1.34 4.58
N ALA B 28 -17.31 -1.75 3.32
CA ALA B 28 -18.34 -1.32 2.32
C ALA B 28 -19.74 -1.80 2.64
N ARG B 29 -19.86 -2.96 3.27
CA ARG B 29 -21.17 -3.52 3.56
C ARG B 29 -21.84 -2.76 4.68
N VAL B 30 -21.07 -2.47 5.73
CA VAL B 30 -21.62 -1.70 6.84
C VAL B 30 -21.86 -0.25 6.38
N TRP B 31 -20.97 0.35 5.63
CA TRP B 31 -21.20 1.67 5.03
C TRP B 31 -22.49 1.75 4.20
N GLN B 32 -22.84 0.68 3.49
CA GLN B 32 -24.11 0.63 2.70
C GLN B 32 -25.31 0.74 3.61
N LEU B 33 -25.26 0.09 4.76
CA LEU B 33 -26.33 0.24 5.75
C LEU B 33 -26.50 1.69 6.17
N TYR B 34 -25.42 2.42 6.30
CA TYR B 34 -25.49 3.78 6.78
C TYR B 34 -26.06 4.65 5.70
N ILE B 35 -25.56 4.53 4.46
CA ILE B 35 -26.11 5.41 3.43
C ILE B 35 -27.57 5.05 3.20
N GLY B 36 -27.95 3.81 3.56
CA GLY B 36 -29.34 3.35 3.36
C GLY B 36 -30.37 3.78 4.41
N ASP B 37 -29.88 4.34 5.51
CA ASP B 37 -30.67 4.73 6.66
C ASP B 37 -31.40 6.01 6.40
N THR B 38 -32.30 6.04 5.41
CA THR B 38 -33.02 7.24 5.04
C THR B 38 -34.52 7.01 4.80
N ARG B 39 -35.06 5.99 5.45
CA ARG B 39 -36.46 5.60 5.30
C ARG B 39 -37.44 6.55 6.00
N SER B 40 -36.98 7.35 6.96
CA SER B 40 -37.86 8.24 7.72
C SER B 40 -37.49 9.70 7.56
N ARG B 41 -37.91 10.32 6.47
CA ARG B 41 -37.68 11.73 6.27
C ARG B 41 -38.42 12.44 7.38
N THR B 42 -37.81 13.39 8.08
CA THR B 42 -38.51 14.10 9.17
C THR B 42 -39.55 15.03 8.59
N ALA B 43 -40.68 15.19 9.28
CA ALA B 43 -41.75 16.02 8.78
C ALA B 43 -41.32 17.48 8.78
N GLU B 44 -40.48 17.85 9.74
CA GLU B 44 -39.97 19.19 9.88
C GLU B 44 -39.12 19.57 8.64
N TYR B 45 -38.29 18.64 8.18
CA TYR B 45 -37.47 18.88 6.98
C TYR B 45 -38.36 19.05 5.74
N LYS B 46 -39.26 18.12 5.50
CA LYS B 46 -40.17 18.21 4.35
C LYS B 46 -40.87 19.53 4.34
N ALA B 47 -41.50 19.84 5.46
CA ALA B 47 -42.31 21.02 5.52
C ALA B 47 -41.41 22.24 5.27
N TRP B 48 -40.24 22.28 5.90
CA TRP B 48 -39.37 23.46 5.77
C TRP B 48 -38.96 23.76 4.33
N LEU B 49 -38.32 22.79 3.68
CA LEU B 49 -37.89 22.97 2.30
C LEU B 49 -39.02 23.32 1.34
N LEU B 50 -40.11 22.55 1.39
CA LEU B 50 -41.29 22.82 0.56
C LEU B 50 -41.70 24.26 0.66
N GLY B 51 -41.84 24.72 1.90
CA GLY B 51 -42.26 26.07 2.21
C GLY B 51 -41.30 27.05 1.58
N LEU B 52 -40.02 26.92 1.91
CA LEU B 52 -39.02 27.83 1.41
C LEU B 52 -39.09 27.99 -0.09
N LEU B 53 -39.21 26.87 -0.81
CA LEU B 53 -39.15 26.89 -2.27
C LEU B 53 -40.39 27.55 -2.87
N ARG B 54 -41.56 27.12 -2.39
CA ARG B 54 -42.82 27.70 -2.85
C ARG B 54 -42.89 29.21 -2.57
N GLN B 55 -42.30 29.64 -1.46
CA GLN B 55 -42.21 31.05 -1.09
C GLN B 55 -41.49 31.89 -2.16
N HIS B 56 -40.40 31.36 -2.70
CA HIS B 56 -39.62 32.02 -3.76
C HIS B 56 -40.02 31.63 -5.18
N GLY B 57 -41.11 30.88 -5.32
CA GLY B 57 -41.69 30.52 -6.61
C GLY B 57 -40.79 29.65 -7.45
N CYS B 58 -40.05 28.74 -6.80
CA CYS B 58 -39.09 27.89 -7.50
C CYS B 58 -39.77 26.71 -8.19
N HIS B 59 -39.43 26.50 -9.46
CA HIS B 59 -39.86 25.27 -10.16
C HIS B 59 -38.63 24.49 -10.61
N ARG B 60 -37.68 25.13 -11.28
CA ARG B 60 -36.49 24.41 -11.73
C ARG B 60 -35.43 24.29 -10.64
N VAL B 61 -35.22 23.08 -10.14
CA VAL B 61 -34.37 22.84 -8.98
C VAL B 61 -33.20 21.91 -9.27
N LEU B 62 -31.99 22.29 -8.82
CA LEU B 62 -30.78 21.53 -9.09
C LEU B 62 -30.17 21.08 -7.78
N ASP B 63 -30.19 19.77 -7.56
CA ASP B 63 -29.50 19.09 -6.45
C ASP B 63 -28.06 18.73 -6.84
N VAL B 64 -27.09 19.47 -6.33
CA VAL B 64 -25.69 19.19 -6.66
C VAL B 64 -25.03 18.11 -5.78
N ALA B 65 -25.79 17.50 -4.86
CA ALA B 65 -25.30 16.40 -4.00
C ALA B 65 -26.32 15.24 -3.93
N CYS B 66 -26.54 14.60 -5.07
CA CYS B 66 -27.66 13.68 -5.23
C CYS B 66 -27.60 12.55 -4.23
N GLY B 67 -26.40 12.02 -4.08
CA GLY B 67 -26.23 10.78 -3.39
C GLY B 67 -27.21 9.73 -3.87
N THR B 68 -27.84 9.06 -2.89
CA THR B 68 -28.82 8.03 -3.19
C THR B 68 -30.15 8.56 -3.73
N GLY B 69 -30.29 9.88 -3.85
CA GLY B 69 -31.44 10.48 -4.47
C GLY B 69 -32.54 11.00 -3.55
N VAL B 70 -32.37 10.81 -2.25
CA VAL B 70 -33.51 10.91 -1.34
C VAL B 70 -33.97 12.32 -1.23
N ASP B 71 -33.06 13.26 -1.24
CA ASP B 71 -33.46 14.66 -1.21
C ASP B 71 -34.22 15.01 -2.48
N SER B 72 -33.77 14.45 -3.59
CA SER B 72 -34.33 14.81 -4.89
C SER B 72 -35.73 14.15 -5.06
N ILE B 73 -35.86 12.90 -4.59
CA ILE B 73 -37.04 12.10 -4.77
C ILE B 73 -38.23 12.83 -4.20
N MET B 74 -38.04 13.41 -3.02
CA MET B 74 -39.16 14.08 -2.41
C MET B 74 -39.59 15.27 -3.28
N LEU B 75 -38.66 15.96 -3.91
CA LEU B 75 -39.00 17.04 -4.82
C LEU B 75 -39.67 16.56 -6.12
N VAL B 76 -39.23 15.40 -6.64
CA VAL B 76 -39.89 14.83 -7.82
C VAL B 76 -41.36 14.61 -7.51
N GLU B 77 -41.64 13.91 -6.40
CA GLU B 77 -43.00 13.59 -5.95
C GLU B 77 -43.90 14.81 -5.82
N GLU B 78 -43.32 15.91 -5.32
CA GLU B 78 -44.08 17.12 -5.08
C GLU B 78 -44.11 18.02 -6.31
N GLY B 79 -43.62 17.53 -7.45
CA GLY B 79 -43.99 18.15 -8.74
C GLY B 79 -43.02 19.18 -9.26
N PHE B 80 -41.80 19.23 -8.69
CA PHE B 80 -40.79 20.12 -9.20
C PHE B 80 -40.09 19.51 -10.37
N SER B 81 -39.38 20.35 -11.12
CA SER B 81 -38.57 19.91 -12.23
C SER B 81 -37.15 19.79 -11.73
N VAL B 82 -36.65 18.56 -11.61
CA VAL B 82 -35.47 18.31 -10.81
C VAL B 82 -34.36 17.71 -11.60
N THR B 83 -33.18 18.30 -11.42
CA THR B 83 -31.93 17.83 -12.03
C THR B 83 -31.00 17.52 -10.86
N SER B 84 -30.62 16.26 -10.75
CA SER B 84 -29.74 15.81 -9.69
C SER B 84 -28.44 15.29 -10.27
N VAL B 85 -27.32 15.79 -9.71
CA VAL B 85 -25.98 15.31 -10.03
C VAL B 85 -25.09 14.97 -8.82
N ASP B 86 -24.06 14.18 -9.09
CA ASP B 86 -23.08 13.83 -8.07
C ASP B 86 -21.79 13.42 -8.74
N ALA B 87 -20.68 13.57 -8.04
CA ALA B 87 -19.40 13.10 -8.55
C ALA B 87 -19.23 11.59 -8.36
N SER B 88 -20.03 11.01 -7.46
CA SER B 88 -19.91 9.59 -7.02
C SER B 88 -20.81 8.61 -7.73
N ASP B 89 -20.28 7.77 -8.59
CA ASP B 89 -21.12 6.75 -9.24
C ASP B 89 -21.69 5.73 -8.24
N LYS B 90 -20.95 5.41 -7.19
CA LYS B 90 -21.32 4.33 -6.27
C LYS B 90 -22.62 4.69 -5.60
N MET B 91 -22.82 5.98 -5.36
CA MET B 91 -24.05 6.48 -4.73
C MET B 91 -25.14 6.83 -5.73
N LEU B 92 -24.72 7.39 -6.84
CA LEU B 92 -25.64 7.70 -7.91
C LEU B 92 -26.39 6.46 -8.35
N LYS B 93 -25.72 5.31 -8.30
CA LYS B 93 -26.33 4.03 -8.64
C LYS B 93 -27.66 3.84 -7.93
N TYR B 94 -27.75 4.20 -6.66
CA TYR B 94 -29.03 4.01 -5.94
C TYR B 94 -30.12 5.00 -6.41
N ALA B 95 -29.72 6.18 -6.87
CA ALA B 95 -30.65 7.18 -7.40
C ALA B 95 -31.23 6.72 -8.73
N LEU B 96 -30.35 6.37 -9.66
CA LEU B 96 -30.74 5.80 -10.91
C LEU B 96 -31.67 4.58 -10.73
N LYS B 97 -31.30 3.69 -9.83
CA LYS B 97 -32.09 2.44 -9.64
C LYS B 97 -33.51 2.74 -9.20
N GLU B 98 -33.66 3.72 -8.32
CA GLU B 98 -34.96 4.13 -7.83
C GLU B 98 -35.79 4.78 -8.94
N ARG B 99 -35.18 5.63 -9.76
CA ARG B 99 -35.84 6.17 -10.95
C ARG B 99 -36.29 5.08 -11.93
N TRP B 100 -35.47 4.05 -12.09
CA TRP B 100 -35.82 2.97 -13.01
C TRP B 100 -37.07 2.29 -12.50
N ASN B 101 -37.04 1.88 -11.22
CA ASN B 101 -38.20 1.24 -10.57
C ASN B 101 -39.49 2.06 -10.66
N ARG B 102 -39.37 3.38 -10.70
CA ARG B 102 -40.57 4.23 -10.71
C ARG B 102 -40.82 4.93 -12.04
N ARG B 103 -40.26 4.40 -13.11
CA ARG B 103 -40.25 5.05 -14.40
C ARG B 103 -41.62 5.19 -15.07
N LYS B 104 -42.62 4.48 -14.58
CA LYS B 104 -43.94 4.58 -15.13
C LYS B 104 -44.71 5.76 -14.54
N GLU B 105 -44.21 6.32 -13.43
CA GLU B 105 -44.78 7.55 -12.90
C GLU B 105 -44.17 8.67 -13.75
N PRO B 106 -45.00 9.55 -14.33
CA PRO B 106 -44.51 10.64 -15.17
C PRO B 106 -43.42 11.48 -14.54
N ALA B 107 -43.64 11.97 -13.32
CA ALA B 107 -42.60 12.78 -12.67
C ALA B 107 -41.18 12.11 -12.72
N PHE B 108 -41.09 10.82 -12.38
CA PHE B 108 -39.79 10.14 -12.40
C PHE B 108 -39.22 9.95 -13.82
N ASP B 109 -40.09 9.92 -14.83
CA ASP B 109 -39.61 9.86 -16.24
C ASP B 109 -38.87 11.13 -16.59
N LYS B 110 -39.31 12.25 -16.03
CA LYS B 110 -38.71 13.56 -16.31
C LYS B 110 -37.62 13.98 -15.35
N TRP B 111 -37.29 13.11 -14.40
CA TRP B 111 -36.19 13.35 -13.42
C TRP B 111 -34.85 13.14 -14.11
N VAL B 112 -34.01 14.17 -14.08
CA VAL B 112 -32.71 14.11 -14.73
C VAL B 112 -31.67 13.87 -13.70
N ILE B 113 -30.87 12.83 -13.93
CA ILE B 113 -29.80 12.44 -13.01
C ILE B 113 -28.51 12.31 -13.81
N GLU B 114 -27.48 13.05 -13.43
CA GLU B 114 -26.22 12.97 -14.16
C GLU B 114 -24.99 13.08 -13.25
N GLU B 115 -23.89 12.63 -13.81
CA GLU B 115 -22.57 12.76 -13.27
C GLU B 115 -22.12 14.25 -13.42
N ALA B 116 -21.53 14.81 -12.37
CA ALA B 116 -20.95 16.16 -12.46
C ALA B 116 -20.12 16.43 -11.20
N ASN B 117 -19.04 17.16 -11.36
CA ASN B 117 -18.17 17.53 -10.24
C ASN B 117 -18.20 19.05 -9.95
N TRP B 118 -18.28 19.42 -8.67
CA TRP B 118 -18.32 20.83 -8.33
C TRP B 118 -17.19 21.61 -8.98
N LEU B 119 -16.02 20.99 -9.05
CA LEU B 119 -14.81 21.65 -9.53
C LEU B 119 -14.84 21.89 -11.04
N THR B 120 -15.70 21.16 -11.74
CA THR B 120 -15.86 21.36 -13.17
C THR B 120 -17.34 21.57 -13.52
N LEU B 121 -18.12 22.03 -12.54
CA LEU B 121 -19.57 22.03 -12.69
C LEU B 121 -20.01 22.87 -13.87
N ASP B 122 -19.38 24.03 -14.03
CA ASP B 122 -19.57 24.91 -15.17
C ASP B 122 -19.56 24.17 -16.51
N LYS B 123 -18.72 23.14 -16.60
CA LYS B 123 -18.55 22.33 -17.82
C LYS B 123 -19.44 21.07 -17.82
N ASP B 124 -19.64 20.42 -16.68
CA ASP B 124 -20.40 19.16 -16.63
C ASP B 124 -21.92 19.33 -16.73
N VAL B 125 -22.39 20.55 -16.52
CA VAL B 125 -23.83 20.87 -16.54
C VAL B 125 -24.11 22.19 -17.29
N PRO B 126 -24.90 22.11 -18.39
CA PRO B 126 -25.38 23.33 -19.10
C PRO B 126 -26.51 24.03 -18.29
N ALA B 127 -26.20 25.13 -17.61
CA ALA B 127 -27.15 25.78 -16.71
C ALA B 127 -28.18 26.63 -17.47
N GLY B 128 -27.98 26.80 -18.80
CA GLY B 128 -28.70 27.81 -19.57
C GLY B 128 -28.65 29.12 -18.78
N ASP B 129 -29.83 29.69 -18.56
CA ASP B 129 -29.95 30.95 -17.83
C ASP B 129 -29.80 30.76 -16.33
N GLY B 130 -30.02 29.51 -15.84
CA GLY B 130 -29.83 29.12 -14.42
C GLY B 130 -31.06 28.43 -13.84
N PHE B 131 -30.92 27.89 -12.63
CA PHE B 131 -31.98 27.20 -11.89
C PHE B 131 -32.61 28.10 -10.86
N ASP B 132 -33.83 27.79 -10.45
CA ASP B 132 -34.55 28.62 -9.51
C ASP B 132 -34.02 28.44 -8.12
N ALA B 133 -33.56 27.24 -7.83
CA ALA B 133 -32.99 26.91 -6.52
C ALA B 133 -31.92 25.86 -6.73
N VAL B 134 -30.79 26.00 -6.06
CA VAL B 134 -29.74 25.02 -6.09
C VAL B 134 -29.63 24.45 -4.63
N ILE B 135 -29.71 23.14 -4.44
CA ILE B 135 -29.63 22.64 -3.07
C ILE B 135 -28.40 21.77 -2.90
N CYS B 136 -27.76 21.88 -1.76
CA CYS B 136 -26.62 21.06 -1.41
C CYS B 136 -26.69 20.80 0.11
N LEU B 137 -27.52 19.82 0.51
CA LEU B 137 -27.90 19.59 1.92
C LEU B 137 -27.35 18.27 2.39
N GLY B 138 -27.52 17.98 3.68
CA GLY B 138 -26.96 16.79 4.29
C GLY B 138 -25.50 16.90 4.78
N ASN B 139 -24.89 18.09 4.73
CA ASN B 139 -23.46 18.23 5.13
C ASN B 139 -22.53 17.64 4.05
N SER B 140 -23.00 17.61 2.82
CA SER B 140 -22.23 17.04 1.74
C SER B 140 -21.01 17.87 1.35
N PHE B 141 -21.11 19.19 1.44
CA PHE B 141 -20.04 20.07 1.01
C PHE B 141 -18.75 19.82 1.80
N ALA B 142 -18.91 19.46 3.07
CA ALA B 142 -17.81 19.17 3.95
C ALA B 142 -17.05 17.93 3.55
N HIS B 143 -17.59 17.09 2.65
CA HIS B 143 -16.80 15.95 2.15
C HIS B 143 -15.59 16.34 1.28
N LEU B 144 -15.57 17.58 0.79
CA LEU B 144 -14.48 18.04 -0.05
C LEU B 144 -13.39 18.51 0.89
N PRO B 145 -12.21 17.89 0.82
CA PRO B 145 -11.12 18.28 1.69
C PRO B 145 -10.33 19.39 1.08
N ASP B 146 -9.44 19.97 1.86
CA ASP B 146 -8.52 20.97 1.37
C ASP B 146 -7.16 20.33 1.08
N SER B 147 -7.06 19.70 -0.09
CA SER B 147 -5.82 19.07 -0.54
C SER B 147 -4.65 20.04 -0.67
N LYS B 148 -4.90 21.33 -0.88
CA LYS B 148 -3.85 22.29 -1.21
C LYS B 148 -3.38 23.22 -0.06
N GLY B 149 -4.13 23.28 1.03
CA GLY B 149 -3.78 24.19 2.14
C GLY B 149 -4.49 25.55 2.13
N ASP B 150 -4.71 26.11 0.93
CA ASP B 150 -5.21 27.49 0.83
C ASP B 150 -6.74 27.61 0.74
N GLN B 151 -7.45 26.50 0.92
CA GLN B 151 -8.91 26.40 0.65
C GLN B 151 -9.36 26.83 -0.76
N SER B 152 -8.47 26.78 -1.73
CA SER B 152 -8.83 27.19 -3.08
C SER B 152 -9.89 26.28 -3.72
N GLU B 153 -9.79 24.97 -3.51
CA GLU B 153 -10.78 24.07 -4.09
C GLU B 153 -12.17 24.37 -3.51
N HIS B 154 -12.22 24.69 -2.22
CA HIS B 154 -13.50 25.02 -1.62
C HIS B 154 -14.11 26.21 -2.33
N ARG B 155 -13.29 27.23 -2.57
CA ARG B 155 -13.69 28.45 -3.26
C ARG B 155 -14.15 28.23 -4.69
N LEU B 156 -13.41 27.40 -5.43
CA LEU B 156 -13.76 27.11 -6.81
C LEU B 156 -15.12 26.40 -6.89
N ALA B 157 -15.27 25.42 -5.99
CA ALA B 157 -16.45 24.64 -5.86
C ALA B 157 -17.67 25.51 -5.55
N LEU B 158 -17.58 26.31 -4.49
CA LEU B 158 -18.66 27.19 -4.18
C LEU B 158 -18.96 28.15 -5.36
N LYS B 159 -17.93 28.75 -5.92
CA LYS B 159 -18.16 29.65 -7.04
C LYS B 159 -18.94 28.92 -8.13
N ASN B 160 -18.53 27.70 -8.47
CA ASN B 160 -19.19 26.97 -9.52
C ASN B 160 -20.64 26.70 -9.16
N ILE B 161 -20.90 26.44 -7.88
CA ILE B 161 -22.24 26.06 -7.40
C ILE B 161 -23.15 27.29 -7.51
N ALA B 162 -22.59 28.44 -7.16
CA ALA B 162 -23.33 29.69 -7.16
C ALA B 162 -23.67 30.10 -8.60
N SER B 163 -22.80 29.80 -9.55
CA SER B 163 -23.05 30.17 -10.97
C SER B 163 -24.23 29.42 -11.59
N MET B 164 -24.71 28.37 -10.93
CA MET B 164 -25.87 27.61 -11.38
C MET B 164 -27.18 28.25 -10.98
N VAL B 165 -27.14 29.25 -10.12
CA VAL B 165 -28.33 29.90 -9.58
C VAL B 165 -28.71 31.08 -10.48
N ARG B 166 -29.96 31.10 -10.95
CA ARG B 166 -30.48 32.20 -11.76
C ARG B 166 -30.44 33.53 -10.98
N PRO B 167 -30.27 34.67 -11.69
CA PRO B 167 -30.46 35.94 -11.02
C PRO B 167 -31.75 35.93 -10.23
N GLY B 168 -31.69 36.28 -8.95
CA GLY B 168 -32.86 36.21 -8.10
C GLY B 168 -33.28 34.81 -7.73
N GLY B 169 -32.37 33.83 -7.79
CA GLY B 169 -32.69 32.44 -7.45
C GLY B 169 -32.09 32.09 -6.09
N LEU B 170 -32.28 30.86 -5.62
CA LEU B 170 -31.80 30.47 -4.29
C LEU B 170 -30.63 29.51 -4.34
N LEU B 171 -29.72 29.68 -3.40
CA LEU B 171 -28.80 28.61 -3.04
C LEU B 171 -29.14 28.29 -1.59
N VAL B 172 -29.39 27.02 -1.32
CA VAL B 172 -29.58 26.50 0.02
C VAL B 172 -28.49 25.44 0.28
N ILE B 173 -27.57 25.70 1.22
CA ILE B 173 -26.42 24.85 1.41
C ILE B 173 -26.10 24.80 2.89
N ASP B 174 -25.82 23.62 3.42
CA ASP B 174 -25.66 23.44 4.85
C ASP B 174 -24.29 22.83 5.33
N HIS B 175 -24.09 22.86 6.63
CA HIS B 175 -22.98 22.12 7.21
C HIS B 175 -23.24 21.80 8.64
N ARG B 176 -22.65 20.69 9.06
CA ARG B 176 -22.81 20.29 10.44
C ARG B 176 -22.18 21.37 11.28
N ASN B 177 -22.55 21.44 12.56
CA ASN B 177 -22.02 22.47 13.43
C ASN B 177 -20.59 22.13 13.87
N TYR B 178 -19.60 22.55 13.12
CA TYR B 178 -18.24 22.11 13.41
C TYR B 178 -17.57 22.90 14.51
N ASP B 179 -18.19 24.00 14.90
CA ASP B 179 -17.70 24.83 16.03
C ASP B 179 -17.82 24.00 17.31
N TYR B 180 -18.96 23.36 17.46
CA TYR B 180 -19.24 22.51 18.58
C TYR B 180 -18.38 21.25 18.57
N ILE B 181 -18.19 20.65 17.38
CA ILE B 181 -17.38 19.40 17.31
C ILE B 181 -15.92 19.66 17.60
N LEU B 182 -15.36 20.73 17.05
CA LEU B 182 -13.97 21.13 17.36
C LEU B 182 -13.83 21.56 18.81
N SER B 183 -14.81 22.29 19.32
CA SER B 183 -14.76 22.79 20.68
C SER B 183 -14.72 21.66 21.71
N THR B 184 -15.59 20.68 21.52
CA THR B 184 -15.73 19.58 22.46
C THR B 184 -14.86 18.40 22.10
N GLY B 185 -14.40 18.31 20.85
CA GLY B 185 -13.64 17.15 20.40
C GLY B 185 -14.48 15.94 20.03
N CYS B 186 -15.80 16.11 19.99
CA CYS B 186 -16.74 15.01 19.88
C CYS B 186 -17.83 15.24 18.79
N ALA B 187 -18.14 14.19 18.05
CA ALA B 187 -19.14 14.22 17.01
C ALA B 187 -20.29 13.28 17.36
N PRO B 188 -21.25 13.74 18.17
CA PRO B 188 -22.21 12.74 18.68
C PRO B 188 -23.13 12.12 17.58
N PRO B 189 -23.40 10.80 17.67
CA PRO B 189 -24.10 10.06 16.62
C PRO B 189 -25.63 10.22 16.63
N GLY B 190 -26.22 10.12 15.44
CA GLY B 190 -27.65 10.00 15.27
C GLY B 190 -28.42 11.28 15.43
N LYS B 191 -27.81 12.42 15.11
CA LYS B 191 -28.48 13.70 15.19
C LYS B 191 -28.95 14.21 13.84
N ASN B 192 -28.87 13.40 12.81
CA ASN B 192 -29.36 13.79 11.47
C ASN B 192 -30.79 14.41 11.57
N ILE B 193 -30.93 15.67 11.17
CA ILE B 193 -32.22 16.38 11.27
C ILE B 193 -33.11 16.17 10.05
N TYR B 194 -32.54 15.62 9.00
CA TYR B 194 -33.24 15.34 7.74
C TYR B 194 -33.92 13.96 7.74
N TYR B 195 -33.20 12.96 8.25
CA TYR B 195 -33.66 11.58 8.19
C TYR B 195 -33.38 10.92 9.55
N LYS B 196 -34.43 10.63 10.31
CA LYS B 196 -34.27 10.06 11.63
C LYS B 196 -33.62 8.70 11.51
N SER B 197 -32.48 8.53 12.19
CA SER B 197 -31.71 7.27 12.22
C SER B 197 -32.45 6.05 12.79
N ASP B 198 -32.48 4.95 12.02
CA ASP B 198 -33.00 3.67 12.46
C ASP B 198 -31.84 2.77 12.88
N LEU B 199 -30.62 3.22 12.58
CA LEU B 199 -29.39 2.42 12.74
C LEU B 199 -28.53 2.98 13.90
N THR B 200 -28.12 2.12 14.84
CA THR B 200 -27.29 2.56 15.98
C THR B 200 -25.81 2.47 15.67
N LYS B 201 -25.08 3.52 16.04
CA LYS B 201 -23.64 3.60 15.77
C LYS B 201 -22.86 4.16 16.98
N ASP B 202 -21.64 3.65 17.18
CA ASP B 202 -20.67 4.24 18.10
C ASP B 202 -19.68 4.93 17.21
N ILE B 203 -19.41 6.19 17.48
CA ILE B 203 -18.49 6.99 16.71
C ILE B 203 -17.25 7.27 17.54
N THR B 204 -16.09 7.31 16.88
CA THR B 204 -14.84 7.77 17.47
C THR B 204 -14.51 8.96 16.64
N THR B 205 -14.19 10.07 17.30
CA THR B 205 -14.00 11.35 16.61
C THR B 205 -12.52 11.75 16.65
N SER B 206 -11.93 11.90 15.46
CA SER B 206 -10.51 12.20 15.43
C SER B 206 -10.39 13.51 14.69
N VAL B 207 -9.72 14.48 15.32
CA VAL B 207 -9.53 15.77 14.73
C VAL B 207 -8.02 15.99 14.48
N LEU B 208 -7.68 16.29 13.24
CA LEU B 208 -6.34 16.67 12.90
C LEU B 208 -6.24 18.20 12.77
N THR B 209 -5.27 18.79 13.44
CA THR B 209 -4.95 20.20 13.34
C THR B 209 -3.54 20.33 12.77
N VAL B 210 -3.38 21.17 11.75
CA VAL B 210 -2.07 21.36 11.05
C VAL B 210 -1.58 22.81 11.22
N ASN B 211 -0.46 23.00 11.90
CA ASN B 211 0.02 24.36 12.22
C ASN B 211 -1.08 25.19 12.88
N ASN B 212 -1.84 24.53 13.74
CA ASN B 212 -2.88 25.12 14.55
C ASN B 212 -4.14 25.56 13.81
N LYS B 213 -4.34 25.07 12.59
CA LYS B 213 -5.61 25.25 11.90
C LYS B 213 -6.33 23.91 11.66
N ALA B 214 -7.61 23.87 11.98
CA ALA B 214 -8.39 22.65 11.85
C ALA B 214 -8.34 22.21 10.37
N HIS B 215 -7.97 20.94 10.12
CA HIS B 215 -7.80 20.43 8.76
C HIS B 215 -8.71 19.28 8.42
N MET B 216 -8.98 18.41 9.40
CA MET B 216 -9.79 17.25 9.14
C MET B 216 -10.43 16.67 10.40
N VAL B 217 -11.66 16.21 10.23
CA VAL B 217 -12.40 15.45 11.22
C VAL B 217 -12.70 14.13 10.57
N THR B 218 -12.28 13.06 11.23
CA THR B 218 -12.39 11.73 10.74
C THR B 218 -13.18 10.89 11.73
N LEU B 219 -14.31 10.33 11.29
CA LEU B 219 -15.19 9.58 12.15
C LEU B 219 -15.08 8.14 11.75
N ASP B 220 -14.96 7.30 12.75
CA ASP B 220 -14.95 5.84 12.64
C ASP B 220 -16.23 5.37 13.26
N TYR B 221 -17.05 4.65 12.51
CA TYR B 221 -18.35 4.23 12.96
C TYR B 221 -18.28 2.77 13.22
N THR B 222 -18.72 2.30 14.36
CA THR B 222 -18.81 0.89 14.65
C THR B 222 -20.31 0.61 14.67
N VAL B 223 -20.73 -0.38 13.89
CA VAL B 223 -22.13 -0.71 13.74
C VAL B 223 -22.36 -2.15 14.05
N GLN B 224 -23.46 -2.48 14.72
CA GLN B 224 -23.67 -3.89 15.14
C GLN B 224 -24.11 -4.81 13.97
N VAL B 225 -23.81 -6.11 14.09
CA VAL B 225 -24.04 -7.14 13.04
C VAL B 225 -24.61 -8.49 13.61
N PRO B 226 -25.55 -9.18 12.89
CA PRO B 226 -26.01 -10.58 13.23
C PRO B 226 -25.27 -11.43 14.33
N PRO B 234 -24.32 -11.24 17.61
CA PRO B 234 -23.99 -9.83 17.80
C PRO B 234 -22.47 -9.52 17.61
N GLY B 235 -22.15 -8.90 16.48
CA GLY B 235 -20.76 -8.61 16.08
C GLY B 235 -20.61 -7.14 15.71
N PHE B 236 -19.36 -6.69 15.57
CA PHE B 236 -19.11 -5.31 15.29
C PHE B 236 -18.23 -5.12 14.08
N SER B 237 -18.63 -4.18 13.21
CA SER B 237 -17.86 -3.82 12.02
C SER B 237 -17.79 -2.32 11.86
N LYS B 238 -16.71 -1.88 11.23
CA LYS B 238 -16.25 -0.51 11.30
C LYS B 238 -16.17 0.04 9.90
N PHE B 239 -16.43 1.31 9.72
CA PHE B 239 -16.04 1.99 8.51
C PHE B 239 -15.69 3.41 8.85
N ARG B 240 -14.95 4.04 7.96
CA ARG B 240 -14.46 5.40 8.19
C ARG B 240 -14.78 6.38 7.06
N LEU B 241 -15.07 7.61 7.45
CA LEU B 241 -15.20 8.68 6.53
C LEU B 241 -14.59 9.95 7.11
N SER B 242 -14.09 10.83 6.25
CA SER B 242 -13.46 12.11 6.71
C SER B 242 -14.20 13.33 6.18
N TYR B 243 -14.01 14.49 6.83
CA TYR B 243 -14.82 15.69 6.61
C TYR B 243 -14.00 16.91 6.84
N TYR B 244 -14.39 18.06 6.26
CA TYR B 244 -13.65 19.29 6.51
C TYR B 244 -14.46 20.10 7.49
N PRO B 245 -13.86 20.48 8.60
CA PRO B 245 -14.65 21.08 9.66
C PRO B 245 -14.78 22.58 9.47
N HIS B 246 -15.75 22.95 8.64
CA HIS B 246 -16.14 24.32 8.39
C HIS B 246 -16.83 24.90 9.60
N CYS B 247 -16.24 25.94 10.17
CA CYS B 247 -16.89 26.76 11.19
C CYS B 247 -17.80 27.76 10.53
N LEU B 248 -18.78 28.23 11.33
CA LEU B 248 -19.84 29.11 10.87
C LEU B 248 -19.31 30.40 10.29
N ALA B 249 -18.35 31.02 10.98
CA ALA B 249 -17.89 32.33 10.55
C ALA B 249 -17.21 32.21 9.19
N SER B 250 -16.28 31.27 9.07
CA SER B 250 -15.53 31.05 7.82
C SER B 250 -16.43 30.65 6.64
N PHE B 251 -17.37 29.75 6.86
CA PHE B 251 -18.27 29.34 5.80
C PHE B 251 -19.21 30.48 5.34
N THR B 252 -19.60 31.33 6.28
CA THR B 252 -20.46 32.47 5.96
C THR B 252 -19.70 33.42 5.06
N GLU B 253 -18.43 33.64 5.34
CA GLU B 253 -17.58 34.42 4.47
C GLU B 253 -17.44 33.70 3.09
N LEU B 254 -17.06 32.44 3.08
CA LEU B 254 -16.86 31.72 1.83
C LEU B 254 -18.07 31.71 0.89
N VAL B 255 -19.26 31.51 1.47
CA VAL B 255 -20.42 31.30 0.66
C VAL B 255 -20.91 32.60 0.06
N GLN B 256 -20.69 33.70 0.76
CA GLN B 256 -20.96 35.03 0.23
C GLN B 256 -19.98 35.39 -0.90
N GLU B 257 -18.69 35.19 -0.63
CA GLU B 257 -17.66 35.48 -1.61
C GLU B 257 -17.97 34.80 -2.97
N ALA B 258 -18.42 33.55 -2.95
CA ALA B 258 -18.84 32.83 -4.14
C ALA B 258 -19.82 33.60 -5.01
N PHE B 259 -20.66 34.42 -4.39
CA PHE B 259 -21.62 35.24 -5.16
C PHE B 259 -21.05 36.58 -5.58
N GLY B 260 -19.89 36.94 -5.01
CA GLY B 260 -19.25 38.21 -5.24
C GLY B 260 -19.89 39.31 -4.41
N GLY B 261 -20.39 38.92 -3.24
CA GLY B 261 -21.18 39.79 -2.40
C GLY B 261 -22.60 40.05 -2.92
N ARG B 262 -22.99 39.58 -4.10
CA ARG B 262 -24.23 40.07 -4.71
C ARG B 262 -25.36 39.12 -4.35
N CYS B 263 -25.71 39.13 -3.07
CA CYS B 263 -26.74 38.23 -2.56
C CYS B 263 -27.28 38.69 -1.21
N GLN B 264 -28.43 38.12 -0.81
CA GLN B 264 -28.97 38.27 0.53
C GLN B 264 -28.62 36.97 1.21
N HIS B 265 -28.06 37.05 2.40
CA HIS B 265 -27.67 35.87 3.16
C HIS B 265 -28.41 35.75 4.48
N SER B 266 -28.92 34.58 4.75
CA SER B 266 -29.43 34.25 6.06
C SER B 266 -29.01 32.84 6.45
N VAL B 267 -28.83 32.61 7.75
CA VAL B 267 -28.39 31.31 8.26
C VAL B 267 -29.43 30.77 9.21
N LEU B 268 -29.77 29.49 9.03
CA LEU B 268 -30.71 28.82 9.93
C LEU B 268 -29.93 27.82 10.74
N GLY B 269 -30.42 27.52 11.93
CA GLY B 269 -29.88 26.46 12.75
C GLY B 269 -30.99 25.43 13.01
N ASP B 270 -30.83 24.26 12.44
CA ASP B 270 -31.87 23.20 12.51
C ASP B 270 -33.24 23.70 12.14
N PHE B 271 -33.30 24.36 10.99
CA PHE B 271 -34.54 24.84 10.37
C PHE B 271 -35.08 26.13 10.92
N LYS B 272 -34.66 26.57 12.09
CA LYS B 272 -35.16 27.83 12.69
C LYS B 272 -34.10 28.94 12.58
N PRO B 273 -34.54 30.21 12.53
CA PRO B 273 -33.60 31.34 12.56
C PRO B 273 -32.51 31.13 13.58
N TYR B 274 -31.29 31.51 13.21
CA TYR B 274 -30.17 31.46 14.13
C TYR B 274 -29.83 32.89 14.57
N ARG B 275 -29.83 33.11 15.88
CA ARG B 275 -29.38 34.38 16.46
C ARG B 275 -28.12 34.09 17.31
N PRO B 276 -26.96 34.60 16.90
CA PRO B 276 -25.74 34.30 17.67
C PRO B 276 -25.92 34.60 19.14
N GLY B 277 -25.42 33.70 20.00
CA GLY B 277 -25.60 33.83 21.44
C GLY B 277 -26.94 33.32 21.95
N GLN B 278 -27.74 32.68 21.07
CA GLN B 278 -28.92 31.96 21.51
C GLN B 278 -28.52 30.74 22.35
N ALA B 279 -29.38 30.33 23.27
CA ALA B 279 -29.12 29.21 24.18
C ALA B 279 -29.02 27.88 23.43
N TYR B 280 -29.89 27.71 22.43
CA TYR B 280 -29.95 26.49 21.66
C TYR B 280 -28.74 26.39 20.73
N VAL B 281 -28.11 25.21 20.73
CA VAL B 281 -26.95 24.94 19.90
C VAL B 281 -27.35 23.96 18.82
N PRO B 282 -27.33 24.41 17.57
CA PRO B 282 -27.81 23.60 16.49
C PRO B 282 -26.85 22.51 16.12
N CYS B 283 -27.40 21.46 15.51
CA CYS B 283 -26.61 20.39 14.98
C CYS B 283 -26.14 20.73 13.58
N TYR B 284 -26.96 21.49 12.84
CA TYR B 284 -26.66 21.86 11.48
C TYR B 284 -26.88 23.33 11.32
N PHE B 285 -26.10 23.96 10.46
CA PHE B 285 -26.36 25.30 9.99
C PHE B 285 -26.71 25.24 8.52
N ILE B 286 -27.76 25.94 8.13
CA ILE B 286 -28.26 25.93 6.74
C ILE B 286 -28.17 27.35 6.25
N HIS B 287 -27.36 27.59 5.20
CA HIS B 287 -27.17 28.93 4.70
C HIS B 287 -28.14 29.11 3.56
N VAL B 288 -28.93 30.17 3.59
CA VAL B 288 -29.93 30.41 2.51
C VAL B 288 -29.52 31.64 1.77
N LEU B 289 -29.10 31.48 0.54
CA LEU B 289 -28.73 32.68 -0.20
C LEU B 289 -29.68 32.98 -1.32
N LYS B 290 -30.03 34.25 -1.45
CA LYS B 290 -30.81 34.70 -2.62
C LYS B 290 -29.90 35.58 -3.47
N LYS B 291 -29.54 35.09 -4.65
CA LYS B 291 -28.72 35.89 -5.59
C LYS B 291 -29.49 37.15 -5.90
N THR B 292 -28.81 38.28 -5.95
CA THR B 292 -29.48 39.53 -6.31
C THR B 292 -29.93 39.45 -7.75
N GLY B 293 -31.10 40.04 -8.05
CA GLY B 293 -31.79 39.87 -9.35
C GLY B 293 -33.34 39.85 -9.27
N VAL C 2 -8.70 13.07 -1.20
CA VAL C 2 -9.80 12.11 -0.85
C VAL C 2 -9.32 10.65 -0.59
N ASP C 3 -8.24 10.22 -1.22
CA ASP C 3 -7.85 8.83 -1.09
C ASP C 3 -6.46 8.65 -0.59
N SER C 4 -5.86 9.69 -0.05
CA SER C 4 -4.49 9.61 0.35
C SER C 4 -4.40 9.01 1.75
N VAL C 5 -3.21 8.58 2.08
CA VAL C 5 -2.92 7.88 3.32
C VAL C 5 -1.86 8.59 4.10
N TYR C 6 -2.01 8.62 5.41
CA TYR C 6 -1.13 9.33 6.33
C TYR C 6 -0.17 8.25 6.86
N ARG C 7 1.14 8.46 6.80
CA ARG C 7 2.04 7.61 7.62
C ARG C 7 2.37 8.26 8.96
N THR C 8 2.81 7.41 9.87
CA THR C 8 3.36 7.80 11.15
C THR C 8 4.79 8.34 10.93
N ARG C 9 5.51 7.63 10.05
CA ARG C 9 6.89 8.00 9.76
C ARG C 9 7.21 7.61 8.36
N SER C 10 8.16 8.31 7.74
CA SER C 10 8.48 8.04 6.36
C SER C 10 9.00 6.63 6.23
N LEU C 11 8.89 6.05 5.05
CA LEU C 11 9.56 4.77 4.77
C LEU C 11 11.06 4.93 4.86
N GLY C 12 11.72 3.99 5.52
CA GLY C 12 13.18 3.92 5.50
C GLY C 12 13.81 4.64 6.67
N VAL C 13 12.99 5.27 7.47
CA VAL C 13 13.37 6.12 8.55
C VAL C 13 13.23 5.38 9.91
N ALA C 14 14.06 5.74 10.91
CA ALA C 14 14.09 5.00 12.22
C ALA C 14 14.08 5.98 13.37
N ALA C 15 14.07 5.44 14.59
CA ALA C 15 14.02 6.29 15.74
C ALA C 15 14.45 5.54 16.98
N GLU C 16 15.16 6.26 17.83
CA GLU C 16 15.66 5.72 19.06
C GLU C 16 14.53 5.09 19.80
N GLY C 17 14.75 3.91 20.36
CA GLY C 17 13.79 3.32 21.23
C GLY C 17 12.78 2.43 20.55
N ILE C 18 12.64 2.55 19.24
CA ILE C 18 11.68 1.73 18.58
C ILE C 18 12.31 0.86 17.52
N PRO C 19 11.79 -0.37 17.36
CA PRO C 19 12.36 -1.21 16.32
C PRO C 19 12.08 -0.63 14.93
N ASP C 20 13.02 -0.77 14.03
CA ASP C 20 12.89 -0.38 12.64
C ASP C 20 11.72 -1.11 11.95
N GLN C 21 11.33 -0.61 10.79
CA GLN C 21 10.14 -1.10 10.08
C GLN C 21 10.14 -2.60 9.76
N TYR C 22 9.16 -3.31 10.32
CA TYR C 22 8.92 -4.71 10.08
C TYR C 22 10.10 -5.57 10.53
N ALA C 23 10.99 -5.03 11.35
CA ALA C 23 12.16 -5.79 11.79
C ALA C 23 11.77 -6.92 12.74
N ASP C 24 10.63 -6.80 13.40
CA ASP C 24 10.12 -7.83 14.32
C ASP C 24 8.96 -8.63 13.68
N GLY C 25 8.70 -8.42 12.40
CA GLY C 25 7.66 -9.21 11.69
C GLY C 25 7.98 -10.70 11.65
N GLU C 26 6.94 -11.52 11.43
CA GLU C 26 7.08 -12.97 11.37
C GLU C 26 7.88 -13.41 10.14
N ALA C 27 7.60 -12.78 9.00
CA ALA C 27 8.36 -13.03 7.80
C ALA C 27 9.87 -12.81 8.08
N ALA C 28 10.21 -11.66 8.71
CA ALA C 28 11.61 -11.33 9.00
C ALA C 28 12.23 -12.24 10.01
N ARG C 29 11.43 -12.80 10.91
CA ARG C 29 11.96 -13.73 11.88
C ARG C 29 12.34 -15.04 11.22
N VAL C 30 11.43 -15.60 10.45
CA VAL C 30 11.70 -16.88 9.79
C VAL C 30 12.81 -16.70 8.75
N TRP C 31 12.81 -15.60 8.01
CA TRP C 31 13.96 -15.27 7.14
C TRP C 31 15.33 -15.23 7.85
N GLN C 32 15.35 -14.82 9.11
CA GLN C 32 16.60 -14.76 9.89
C GLN C 32 17.16 -16.16 10.10
N LEU C 33 16.27 -17.09 10.41
CA LEU C 33 16.66 -18.47 10.55
C LEU C 33 17.32 -18.93 9.27
N TYR C 34 16.80 -18.54 8.12
CA TYR C 34 17.32 -19.01 6.84
C TYR C 34 18.71 -18.43 6.58
N ILE C 35 18.88 -17.11 6.75
CA ILE C 35 20.22 -16.56 6.53
C ILE C 35 21.22 -17.13 7.55
N GLY C 36 20.71 -17.57 8.71
CA GLY C 36 21.53 -18.11 9.78
C GLY C 36 21.98 -19.54 9.58
N ASP C 37 21.36 -20.22 8.63
CA ASP C 37 21.61 -21.64 8.35
C ASP C 37 22.94 -21.89 7.64
N THR C 38 24.05 -21.56 8.29
CA THR C 38 25.36 -21.67 7.67
C THR C 38 26.39 -22.27 8.61
N ARG C 39 25.94 -23.06 9.58
CA ARG C 39 26.84 -23.64 10.60
C ARG C 39 27.74 -24.74 10.05
N SER C 40 27.33 -25.36 8.95
CA SER C 40 28.06 -26.50 8.39
C SER C 40 28.57 -26.20 6.99
N ARG C 41 29.73 -25.54 6.92
CA ARG C 41 30.41 -25.34 5.64
C ARG C 41 30.82 -26.71 5.13
N THR C 42 30.52 -27.01 3.86
CA THR C 42 30.87 -28.32 3.30
C THR C 42 32.38 -28.40 3.10
N ALA C 43 32.94 -29.59 3.35
CA ALA C 43 34.38 -29.75 3.27
C ALA C 43 34.82 -29.65 1.81
N GLU C 44 33.91 -29.99 0.91
CA GLU C 44 34.17 -29.91 -0.52
C GLU C 44 34.39 -28.46 -0.96
N TYR C 45 33.54 -27.56 -0.47
CA TYR C 45 33.62 -26.12 -0.76
C TYR C 45 34.91 -25.51 -0.20
N LYS C 46 35.18 -25.76 1.07
CA LYS C 46 36.41 -25.26 1.68
C LYS C 46 37.61 -25.68 0.87
N ALA C 47 37.72 -26.99 0.62
CA ALA C 47 38.87 -27.53 -0.06
C ALA C 47 39.00 -26.94 -1.46
N TRP C 48 37.87 -26.80 -2.16
CA TRP C 48 37.90 -26.28 -3.52
C TRP C 48 38.43 -24.85 -3.61
N LEU C 49 37.79 -23.91 -2.90
CA LEU C 49 38.17 -22.51 -2.94
C LEU C 49 39.60 -22.26 -2.48
N LEU C 50 39.97 -22.88 -1.35
CA LEU C 50 41.36 -22.81 -0.87
C LEU C 50 42.32 -23.20 -1.96
N GLY C 51 42.06 -24.34 -2.55
CA GLY C 51 42.90 -24.88 -3.60
C GLY C 51 43.04 -23.89 -4.73
N LEU C 52 41.90 -23.46 -5.26
CA LEU C 52 41.86 -22.53 -6.39
C LEU C 52 42.72 -21.30 -6.16
N LEU C 53 42.52 -20.66 -5.00
CA LEU C 53 43.19 -19.39 -4.70
C LEU C 53 44.71 -19.60 -4.57
N ARG C 54 45.11 -20.59 -3.78
CA ARG C 54 46.52 -20.91 -3.61
C ARG C 54 47.20 -21.22 -4.92
N GLN C 55 46.49 -21.91 -5.80
CA GLN C 55 46.96 -22.21 -7.14
C GLN C 55 47.42 -20.95 -7.89
N HIS C 56 46.60 -19.89 -7.82
CA HIS C 56 46.90 -18.63 -8.52
C HIS C 56 47.70 -17.62 -7.70
N GLY C 57 48.12 -18.02 -6.51
CA GLY C 57 48.91 -17.16 -5.61
C GLY C 57 48.18 -15.93 -5.07
N CYS C 58 46.90 -16.08 -4.77
CA CYS C 58 46.10 -14.95 -4.30
C CYS C 58 46.34 -14.71 -2.83
N HIS C 59 46.58 -13.46 -2.48
CA HIS C 59 46.58 -13.05 -1.08
C HIS C 59 45.49 -12.00 -0.86
N ARG C 60 45.46 -10.95 -1.68
CA ARG C 60 44.45 -9.88 -1.54
C ARG C 60 43.12 -10.27 -2.19
N VAL C 61 42.11 -10.50 -1.36
CA VAL C 61 40.82 -11.03 -1.83
C VAL C 61 39.71 -10.06 -1.46
N LEU C 62 38.80 -9.82 -2.42
CA LEU C 62 37.61 -8.97 -2.24
C LEU C 62 36.33 -9.77 -2.42
N ASP C 63 35.56 -9.89 -1.35
CA ASP C 63 34.23 -10.47 -1.37
C ASP C 63 33.23 -9.36 -1.62
N VAL C 64 32.60 -9.33 -2.80
CA VAL C 64 31.60 -8.32 -3.12
C VAL C 64 30.17 -8.72 -2.70
N ALA C 65 30.02 -9.89 -2.06
CA ALA C 65 28.69 -10.33 -1.54
C ALA C 65 28.82 -10.86 -0.12
N CYS C 66 29.21 -9.96 0.79
CA CYS C 66 29.58 -10.32 2.14
C CYS C 66 28.50 -11.13 2.83
N GLY C 67 27.27 -10.61 2.76
CA GLY C 67 26.20 -11.09 3.58
C GLY C 67 26.63 -11.16 5.04
N THR C 68 26.33 -12.30 5.67
CA THR C 68 26.59 -12.47 7.08
C THR C 68 28.07 -12.69 7.36
N GLY C 69 28.88 -12.72 6.29
CA GLY C 69 30.32 -12.81 6.38
C GLY C 69 30.93 -14.20 6.28
N VAL C 70 30.10 -15.24 6.11
CA VAL C 70 30.56 -16.63 6.33
C VAL C 70 31.56 -17.07 5.25
N ASP C 71 31.36 -16.63 4.02
CA ASP C 71 32.34 -16.87 2.98
C ASP C 71 33.66 -16.18 3.33
N SER C 72 33.59 -14.97 3.87
CA SER C 72 34.78 -14.19 4.14
C SER C 72 35.51 -14.75 5.37
N ILE C 73 34.74 -15.13 6.39
CA ILE C 73 35.29 -15.57 7.68
C ILE C 73 36.27 -16.70 7.48
N MET C 74 35.90 -17.64 6.62
CA MET C 74 36.78 -18.78 6.42
C MET C 74 38.11 -18.34 5.79
N LEU C 75 38.09 -17.34 4.92
CA LEU C 75 39.32 -16.80 4.34
C LEU C 75 40.16 -16.00 5.35
N VAL C 76 39.52 -15.29 6.27
CA VAL C 76 40.23 -14.60 7.32
C VAL C 76 41.05 -15.62 8.13
N GLU C 77 40.36 -16.66 8.59
CA GLU C 77 40.96 -17.73 9.39
C GLU C 77 42.17 -18.36 8.70
N GLU C 78 42.05 -18.55 7.39
CA GLU C 78 43.12 -19.20 6.62
C GLU C 78 44.20 -18.24 6.18
N GLY C 79 44.11 -16.99 6.63
CA GLY C 79 45.28 -16.09 6.61
C GLY C 79 45.38 -15.15 5.43
N PHE C 80 44.27 -14.99 4.68
CA PHE C 80 44.21 -14.07 3.55
C PHE C 80 43.94 -12.65 4.05
N SER C 81 44.20 -11.69 3.17
CA SER C 81 43.90 -10.30 3.43
C SER C 81 42.56 -10.02 2.76
N VAL C 82 41.53 -9.79 3.57
CA VAL C 82 40.17 -9.83 3.08
C VAL C 82 39.39 -8.52 3.25
N THR C 83 38.83 -8.05 2.14
CA THR C 83 37.95 -6.89 2.13
C THR C 83 36.58 -7.38 1.73
N SER C 84 35.61 -7.21 2.63
CA SER C 84 34.23 -7.65 2.37
C SER C 84 33.27 -6.47 2.31
N VAL C 85 32.43 -6.46 1.28
CA VAL C 85 31.40 -5.44 1.14
C VAL C 85 30.06 -6.00 0.76
N ASP C 86 29.03 -5.21 1.03
CA ASP C 86 27.66 -5.52 0.65
C ASP C 86 26.85 -4.25 0.55
N ALA C 87 25.76 -4.34 -0.21
CA ALA C 87 24.82 -3.24 -0.35
C ALA C 87 23.84 -3.24 0.84
N SER C 88 23.74 -4.39 1.52
CA SER C 88 22.74 -4.62 2.58
C SER C 88 23.25 -4.46 3.98
N ASP C 89 22.81 -3.41 4.67
CA ASP C 89 23.15 -3.23 6.09
C ASP C 89 22.53 -4.31 6.97
N LYS C 90 21.31 -4.74 6.68
CA LYS C 90 20.67 -5.71 7.58
C LYS C 90 21.48 -7.02 7.66
N MET C 91 22.18 -7.38 6.59
CA MET C 91 23.02 -8.60 6.59
C MET C 91 24.46 -8.33 7.08
N LEU C 92 24.98 -7.19 6.66
CA LEU C 92 26.32 -6.77 7.03
C LEU C 92 26.41 -6.79 8.51
N LYS C 93 25.33 -6.41 9.18
CA LYS C 93 25.27 -6.39 10.65
C LYS C 93 25.88 -7.65 11.28
N TYR C 94 25.53 -8.80 10.74
CA TYR C 94 25.99 -10.05 11.29
C TYR C 94 27.47 -10.27 11.05
N ALA C 95 28.01 -9.69 9.98
CA ALA C 95 29.47 -9.82 9.67
C ALA C 95 30.25 -8.99 10.61
N LEU C 96 29.86 -7.73 10.72
CA LEU C 96 30.44 -6.82 11.70
C LEU C 96 30.41 -7.41 13.10
N LYS C 97 29.28 -7.98 13.49
CA LYS C 97 29.10 -8.47 14.87
C LYS C 97 30.08 -9.57 15.17
N GLU C 98 30.28 -10.45 14.19
CA GLU C 98 31.18 -11.57 14.32
C GLU C 98 32.63 -11.07 14.44
N ARG C 99 32.99 -10.08 13.64
CA ARG C 99 34.30 -9.44 13.72
C ARG C 99 34.50 -8.76 15.07
N TRP C 100 33.45 -8.20 15.62
CA TRP C 100 33.59 -7.58 16.93
C TRP C 100 33.89 -8.66 17.94
N ASN C 101 33.13 -9.75 17.94
CA ASN C 101 33.32 -10.83 18.91
C ASN C 101 34.72 -11.46 18.83
N ARG C 102 35.35 -11.40 17.66
CA ARG C 102 36.65 -12.07 17.46
C ARG C 102 37.82 -11.08 17.31
N ARG C 103 37.63 -9.83 17.75
CA ARG C 103 38.58 -8.75 17.47
C ARG C 103 39.93 -8.90 18.18
N LYS C 104 40.04 -9.83 19.12
CA LYS C 104 41.33 -10.05 19.77
C LYS C 104 42.21 -10.98 18.95
N GLU C 105 41.62 -11.70 18.00
CA GLU C 105 42.39 -12.48 17.04
C GLU C 105 42.91 -11.49 15.98
N PRO C 106 44.22 -11.49 15.72
CA PRO C 106 44.82 -10.57 14.76
C PRO C 106 44.17 -10.55 13.39
N ALA C 107 44.03 -11.72 12.75
CA ALA C 107 43.41 -11.78 11.42
C ALA C 107 42.08 -11.01 11.42
N PHE C 108 41.25 -11.28 12.41
CA PHE C 108 40.01 -10.57 12.62
C PHE C 108 40.18 -9.03 12.66
N ASP C 109 41.19 -8.55 13.36
CA ASP C 109 41.40 -7.10 13.47
C ASP C 109 41.63 -6.43 12.11
N LYS C 110 42.27 -7.17 11.22
CA LYS C 110 42.66 -6.64 9.91
C LYS C 110 41.62 -6.87 8.84
N TRP C 111 40.49 -7.51 9.20
CA TRP C 111 39.38 -7.79 8.28
C TRP C 111 38.59 -6.51 8.01
N VAL C 112 38.55 -6.09 6.75
CA VAL C 112 37.88 -4.84 6.36
C VAL C 112 36.46 -5.14 5.84
N ILE C 113 35.46 -4.55 6.47
CA ILE C 113 34.08 -4.74 6.10
C ILE C 113 33.46 -3.38 5.84
N GLU C 114 32.86 -3.19 4.67
CA GLU C 114 32.31 -1.91 4.30
C GLU C 114 31.12 -2.06 3.40
N GLU C 115 30.33 -1.00 3.39
CA GLU C 115 29.17 -0.80 2.56
C GLU C 115 29.61 -0.54 1.13
N ALA C 116 28.97 -1.15 0.13
CA ALA C 116 29.29 -0.87 -1.29
C ALA C 116 28.28 -1.51 -2.23
N ASN C 117 27.97 -0.82 -3.31
CA ASN C 117 26.99 -1.29 -4.30
C ASN C 117 27.67 -1.59 -5.64
N TRP C 118 27.32 -2.73 -6.23
CA TRP C 118 27.88 -3.14 -7.50
C TRP C 118 27.73 -2.02 -8.52
N LEU C 119 26.60 -1.33 -8.48
CA LEU C 119 26.31 -0.28 -9.47
C LEU C 119 27.12 1.00 -9.29
N THR C 120 27.76 1.15 -8.13
CA THR C 120 28.67 2.27 -7.88
C THR C 120 29.99 1.78 -7.33
N LEU C 121 30.31 0.52 -7.55
CA LEU C 121 31.45 -0.12 -6.89
C LEU C 121 32.76 0.61 -7.15
N ASP C 122 32.97 0.99 -8.41
CA ASP C 122 34.10 1.86 -8.82
C ASP C 122 34.30 3.08 -7.90
N LYS C 123 33.21 3.61 -7.35
CA LYS C 123 33.25 4.76 -6.44
C LYS C 123 33.29 4.36 -4.95
N ASP C 124 32.53 3.35 -4.55
CA ASP C 124 32.44 2.99 -3.13
C ASP C 124 33.71 2.29 -2.60
N VAL C 125 34.54 1.75 -3.49
CA VAL C 125 35.72 1.00 -3.09
C VAL C 125 36.94 1.44 -3.89
N PRO C 126 37.99 1.93 -3.21
CA PRO C 126 39.29 2.22 -3.86
C PRO C 126 40.10 0.93 -4.15
N ALA C 127 40.14 0.51 -5.41
CA ALA C 127 40.78 -0.78 -5.79
C ALA C 127 42.30 -0.69 -5.87
N GLY C 128 42.84 0.53 -5.78
CA GLY C 128 44.23 0.76 -6.13
C GLY C 128 44.49 0.06 -7.45
N ASP C 129 45.53 -0.78 -7.47
CA ASP C 129 45.90 -1.55 -8.68
C ASP C 129 44.95 -2.75 -8.94
N GLY C 130 44.29 -3.21 -7.88
CA GLY C 130 43.31 -4.31 -7.95
C GLY C 130 43.54 -5.42 -6.93
N PHE C 131 42.58 -6.34 -6.83
CA PHE C 131 42.68 -7.51 -5.96
C PHE C 131 43.14 -8.75 -6.72
N ASP C 132 43.71 -9.70 -5.98
CA ASP C 132 44.22 -10.94 -6.57
C ASP C 132 43.05 -11.82 -6.99
N ALA C 133 41.98 -11.76 -6.21
CA ALA C 133 40.79 -12.59 -6.46
C ALA C 133 39.58 -11.83 -6.00
N VAL C 134 38.53 -11.79 -6.83
CA VAL C 134 37.26 -11.19 -6.44
C VAL C 134 36.26 -12.35 -6.37
N ILE C 135 35.52 -12.49 -5.27
CA ILE C 135 34.54 -13.58 -5.16
C ILE C 135 33.10 -13.05 -4.97
N CYS C 136 32.16 -13.74 -5.58
CA CYS C 136 30.73 -13.39 -5.54
C CYS C 136 29.97 -14.72 -5.66
N LEU C 137 29.87 -15.43 -4.53
CA LEU C 137 29.37 -16.81 -4.50
C LEU C 137 28.06 -16.90 -3.75
N GLY C 138 27.44 -18.08 -3.79
CA GLY C 138 26.17 -18.29 -3.13
C GLY C 138 24.95 -17.95 -3.96
N ASN C 139 25.10 -17.59 -5.23
CA ASN C 139 23.99 -17.20 -6.13
C ASN C 139 23.53 -15.79 -5.85
N SER C 140 24.41 -14.99 -5.26
CA SER C 140 24.04 -13.65 -4.85
C SER C 140 23.83 -12.73 -6.02
N PHE C 141 24.58 -12.91 -7.10
CA PHE C 141 24.43 -12.01 -8.25
C PHE C 141 23.02 -12.00 -8.83
N ALA C 142 22.34 -13.13 -8.74
CA ALA C 142 20.99 -13.24 -9.23
C ALA C 142 19.99 -12.40 -8.46
N HIS C 143 20.35 -11.88 -7.27
CA HIS C 143 19.40 -11.06 -6.51
C HIS C 143 19.15 -9.72 -7.18
N LEU C 144 19.98 -9.33 -8.15
CA LEU C 144 19.83 -8.04 -8.82
C LEU C 144 18.88 -8.23 -9.99
N PRO C 145 17.70 -7.64 -9.91
CA PRO C 145 16.73 -7.82 -10.94
C PRO C 145 17.00 -6.92 -12.12
N ASP C 146 16.25 -7.12 -13.19
CA ASP C 146 16.35 -6.27 -14.37
C ASP C 146 15.19 -5.28 -14.40
N SER C 147 15.33 -4.20 -13.63
CA SER C 147 14.30 -3.18 -13.51
C SER C 147 14.01 -2.48 -14.83
N LYS C 148 14.97 -2.50 -15.76
CA LYS C 148 14.87 -1.69 -16.98
C LYS C 148 14.46 -2.45 -18.25
N GLY C 149 14.57 -3.78 -18.26
CA GLY C 149 14.23 -4.59 -19.45
C GLY C 149 15.40 -5.01 -20.33
N ASP C 150 16.41 -4.15 -20.43
CA ASP C 150 17.57 -4.37 -21.32
C ASP C 150 18.79 -5.00 -20.62
N GLN C 151 18.63 -5.50 -19.40
CA GLN C 151 19.72 -6.06 -18.60
C GLN C 151 20.92 -5.11 -18.41
N SER C 152 20.72 -3.82 -18.59
CA SER C 152 21.81 -2.87 -18.50
C SER C 152 22.41 -2.75 -17.08
N GLU C 153 21.61 -2.95 -16.04
CA GLU C 153 22.15 -2.97 -14.69
C GLU C 153 23.07 -4.15 -14.45
N HIS C 154 22.70 -5.32 -14.96
CA HIS C 154 23.52 -6.51 -14.81
C HIS C 154 24.89 -6.26 -15.45
N ARG C 155 24.88 -5.65 -16.63
CA ARG C 155 26.11 -5.33 -17.36
C ARG C 155 26.99 -4.30 -16.66
N LEU C 156 26.36 -3.25 -16.13
CA LEU C 156 27.09 -2.26 -15.33
C LEU C 156 27.68 -2.88 -14.05
N ALA C 157 26.90 -3.72 -13.36
CA ALA C 157 27.32 -4.42 -12.17
C ALA C 157 28.55 -5.27 -12.46
N LEU C 158 28.42 -6.19 -13.41
CA LEU C 158 29.51 -7.07 -13.74
C LEU C 158 30.73 -6.24 -14.10
N LYS C 159 30.54 -5.29 -15.01
CA LYS C 159 31.67 -4.46 -15.42
C LYS C 159 32.37 -3.88 -14.21
N ASN C 160 31.62 -3.33 -13.27
CA ASN C 160 32.24 -2.79 -12.06
C ASN C 160 32.94 -3.91 -11.26
N ILE C 161 32.37 -5.11 -11.23
CA ILE C 161 32.95 -6.19 -10.45
C ILE C 161 34.28 -6.62 -11.07
N ALA C 162 34.32 -6.67 -12.39
CA ALA C 162 35.52 -7.09 -13.11
C ALA C 162 36.65 -6.07 -12.91
N SER C 163 36.31 -4.79 -12.91
CA SER C 163 37.34 -3.74 -12.75
C SER C 163 38.05 -3.79 -11.40
N MET C 164 37.56 -4.60 -10.47
CA MET C 164 38.22 -4.80 -9.19
C MET C 164 39.25 -5.90 -9.24
N VAL C 165 39.38 -6.58 -10.36
CA VAL C 165 40.35 -7.67 -10.48
C VAL C 165 41.66 -7.15 -11.08
N ARG C 166 42.78 -7.43 -10.41
CA ARG C 166 44.10 -7.01 -10.94
C ARG C 166 44.43 -7.73 -12.25
N PRO C 167 45.21 -7.07 -13.13
CA PRO C 167 45.70 -7.82 -14.28
C PRO C 167 46.29 -9.20 -13.89
N GLY C 168 45.79 -10.26 -14.52
CA GLY C 168 46.16 -11.62 -14.13
C GLY C 168 45.53 -12.09 -12.82
N GLY C 169 44.45 -11.44 -12.39
CA GLY C 169 43.79 -11.84 -11.15
C GLY C 169 42.57 -12.69 -11.47
N LEU C 170 41.88 -13.17 -10.43
CA LEU C 170 40.69 -14.02 -10.60
C LEU C 170 39.37 -13.27 -10.30
N LEU C 171 38.33 -13.60 -11.06
CA LEU C 171 36.95 -13.37 -10.63
C LEU C 171 36.33 -14.75 -10.54
N VAL C 172 35.75 -15.09 -9.39
CA VAL C 172 35.03 -16.33 -9.19
C VAL C 172 33.61 -15.98 -8.85
N ILE C 173 32.66 -16.28 -9.73
CA ILE C 173 31.29 -15.81 -9.56
C ILE C 173 30.35 -16.90 -10.00
N ASP C 174 29.29 -17.15 -9.22
CA ASP C 174 28.39 -18.30 -9.48
C ASP C 174 26.91 -17.97 -9.70
N HIS C 175 26.15 -18.96 -10.14
CA HIS C 175 24.70 -18.85 -10.14
C HIS C 175 24.06 -20.20 -10.10
N ARG C 176 22.91 -20.26 -9.47
CA ARG C 176 22.13 -21.47 -9.41
C ARG C 176 21.77 -21.92 -10.82
N ASN C 177 21.46 -23.20 -10.99
CA ASN C 177 21.17 -23.71 -12.32
C ASN C 177 19.75 -23.33 -12.74
N TYR C 178 19.62 -22.20 -13.41
CA TYR C 178 18.29 -21.70 -13.77
C TYR C 178 17.78 -22.30 -15.07
N ASP C 179 18.63 -23.01 -15.79
CA ASP C 179 18.16 -23.76 -16.95
C ASP C 179 17.25 -24.90 -16.52
N TYR C 180 17.64 -25.56 -15.43
CA TYR C 180 16.87 -26.65 -14.87
C TYR C 180 15.59 -26.15 -14.22
N ILE C 181 15.68 -25.04 -13.48
CA ILE C 181 14.52 -24.50 -12.77
C ILE C 181 13.48 -24.05 -13.77
N LEU C 182 13.88 -23.30 -14.80
CA LEU C 182 12.94 -22.84 -15.83
C LEU C 182 12.34 -23.98 -16.61
N SER C 183 13.18 -24.97 -16.88
CA SER C 183 12.79 -26.14 -17.66
C SER C 183 11.74 -26.99 -16.96
N THR C 184 11.92 -27.20 -15.67
CA THR C 184 11.01 -28.01 -14.83
C THR C 184 9.96 -27.19 -14.09
N GLY C 185 10.17 -25.89 -13.95
CA GLY C 185 9.24 -25.04 -13.21
C GLY C 185 9.38 -25.14 -11.70
N CYS C 186 10.44 -25.81 -11.24
CA CYS C 186 10.64 -26.15 -9.82
C CYS C 186 12.05 -25.78 -9.30
N ALA C 187 12.10 -25.22 -8.10
CA ALA C 187 13.36 -24.89 -7.43
C ALA C 187 13.47 -25.75 -6.17
N PRO C 188 13.98 -27.00 -6.31
CA PRO C 188 13.93 -27.90 -5.15
C PRO C 188 14.81 -27.39 -3.97
N PRO C 189 14.33 -27.60 -2.72
CA PRO C 189 14.94 -27.00 -1.52
C PRO C 189 16.13 -27.77 -0.94
N GLY C 190 17.03 -27.03 -0.29
CA GLY C 190 18.10 -27.62 0.51
C GLY C 190 19.28 -28.16 -0.26
N LYS C 191 19.51 -27.65 -1.47
CA LYS C 191 20.62 -28.15 -2.31
C LYS C 191 21.84 -27.24 -2.24
N ASN C 192 21.88 -26.32 -1.29
CA ASN C 192 23.05 -25.47 -1.09
C ASN C 192 24.33 -26.32 -0.96
N ILE C 193 25.27 -26.16 -1.90
CA ILE C 193 26.51 -26.95 -1.94
C ILE C 193 27.57 -26.36 -1.05
N TYR C 194 27.37 -25.13 -0.61
CA TYR C 194 28.35 -24.40 0.21
C TYR C 194 28.16 -24.63 1.71
N TYR C 195 26.91 -24.68 2.14
CA TYR C 195 26.55 -24.82 3.54
C TYR C 195 25.38 -25.81 3.63
N LYS C 196 25.62 -26.99 4.18
CA LYS C 196 24.58 -28.02 4.28
C LYS C 196 23.48 -27.53 5.18
N SER C 197 22.26 -27.51 4.64
CA SER C 197 21.06 -27.06 5.34
C SER C 197 20.72 -27.88 6.60
N ASP C 198 20.52 -27.18 7.71
CA ASP C 198 20.04 -27.78 8.96
C ASP C 198 18.54 -27.51 9.11
N LEU C 199 18.02 -26.64 8.25
CA LEU C 199 16.66 -26.10 8.35
C LEU C 199 15.77 -26.64 7.21
N THR C 200 14.57 -27.15 7.54
CA THR C 200 13.67 -27.73 6.54
C THR C 200 12.69 -26.72 6.00
N LYS C 201 12.51 -26.73 4.68
CA LYS C 201 11.67 -25.74 4.03
C LYS C 201 10.85 -26.32 2.89
N ASP C 202 9.59 -25.90 2.77
CA ASP C 202 8.79 -26.20 1.58
C ASP C 202 8.85 -24.97 0.74
N ILE C 203 9.18 -25.13 -0.53
CA ILE C 203 9.27 -24.01 -1.45
C ILE C 203 8.15 -24.08 -2.48
N THR C 204 7.63 -22.91 -2.86
CA THR C 204 6.70 -22.76 -3.96
C THR C 204 7.43 -21.88 -4.94
N THR C 205 7.51 -22.34 -6.17
CA THR C 205 8.32 -21.72 -7.18
C THR C 205 7.41 -21.04 -8.18
N SER C 206 7.61 -19.74 -8.36
CA SER C 206 6.77 -18.98 -9.26
C SER C 206 7.65 -18.33 -10.27
N VAL C 207 7.41 -18.61 -11.54
CA VAL C 207 8.23 -18.10 -12.60
C VAL C 207 7.42 -17.12 -13.43
N LEU C 208 7.89 -15.87 -13.53
CA LEU C 208 7.21 -14.88 -14.38
C LEU C 208 7.97 -14.83 -15.70
N THR C 209 7.24 -14.82 -16.81
CA THR C 209 7.78 -14.63 -18.13
C THR C 209 7.09 -13.42 -18.75
N VAL C 210 7.88 -12.47 -19.25
CA VAL C 210 7.39 -11.24 -19.88
C VAL C 210 7.71 -11.24 -21.37
N ASN C 211 6.70 -11.12 -22.21
CA ASN C 211 6.92 -11.20 -23.65
C ASN C 211 7.86 -12.36 -24.01
N ASN C 212 7.63 -13.50 -23.34
CA ASN C 212 8.32 -14.76 -23.57
C ASN C 212 9.81 -14.81 -23.19
N LYS C 213 10.23 -13.87 -22.37
CA LYS C 213 11.56 -13.93 -21.82
C LYS C 213 11.47 -14.03 -20.31
N ALA C 214 12.15 -15.02 -19.74
CA ALA C 214 12.16 -15.20 -18.31
C ALA C 214 12.60 -13.90 -17.63
N HIS C 215 11.83 -13.44 -16.66
CA HIS C 215 12.11 -12.18 -15.98
C HIS C 215 12.36 -12.31 -14.48
N MET C 216 11.72 -13.29 -13.85
CA MET C 216 11.84 -13.45 -12.43
C MET C 216 11.45 -14.82 -11.96
N VAL C 217 12.17 -15.32 -10.97
CA VAL C 217 11.77 -16.51 -10.22
C VAL C 217 11.57 -16.06 -8.78
N THR C 218 10.40 -16.35 -8.23
CA THR C 218 10.03 -15.97 -6.88
C THR C 218 9.80 -17.24 -6.10
N LEU C 219 10.49 -17.40 -4.98
CA LEU C 219 10.29 -18.56 -4.12
C LEU C 219 9.67 -18.12 -2.79
N ASP C 220 8.56 -18.76 -2.44
CA ASP C 220 7.94 -18.66 -1.11
C ASP C 220 8.35 -19.86 -0.28
N TYR C 221 8.98 -19.62 0.86
CA TYR C 221 9.49 -20.65 1.74
C TYR C 221 8.58 -20.72 2.93
N THR C 222 8.22 -21.93 3.35
CA THR C 222 7.47 -22.16 4.59
C THR C 222 8.25 -23.00 5.58
N VAL C 223 8.09 -22.70 6.87
CA VAL C 223 8.63 -23.53 7.99
C VAL C 223 7.63 -23.70 9.17
N GLN C 224 8.04 -24.49 10.19
CA GLN C 224 7.15 -24.92 11.29
C GLN C 224 7.35 -24.18 12.64
N VAL C 225 7.06 -24.88 13.76
CA VAL C 225 7.28 -24.43 15.16
C VAL C 225 6.03 -23.84 15.84
N PRO C 234 2.82 -27.15 15.75
CA PRO C 234 2.18 -27.24 14.44
C PRO C 234 2.11 -25.88 13.72
N GLY C 235 3.23 -25.16 13.67
CA GLY C 235 3.30 -23.81 13.08
C GLY C 235 3.40 -23.78 11.55
N PHE C 236 3.23 -22.59 10.98
CA PHE C 236 3.21 -22.44 9.51
C PHE C 236 3.52 -21.00 9.06
N SER C 237 4.65 -20.47 9.48
CA SER C 237 5.07 -19.14 9.03
C SER C 237 5.90 -19.21 7.75
N LYS C 238 5.83 -18.18 6.93
CA LYS C 238 6.59 -18.14 5.69
C LYS C 238 7.21 -16.79 5.36
N PHE C 239 8.01 -16.77 4.30
CA PHE C 239 8.66 -15.57 3.78
C PHE C 239 8.97 -15.78 2.29
N ARG C 240 9.49 -14.75 1.63
CA ARG C 240 9.60 -14.75 0.19
C ARG C 240 10.78 -13.98 -0.28
N LEU C 241 11.45 -14.50 -1.30
CA LEU C 241 12.54 -13.78 -1.99
C LEU C 241 12.42 -13.95 -3.50
N SER C 242 12.95 -12.98 -4.26
CA SER C 242 12.94 -13.08 -5.73
C SER C 242 14.37 -13.09 -6.30
N TYR C 243 14.53 -13.64 -7.51
CA TYR C 243 15.82 -13.88 -8.14
C TYR C 243 15.75 -13.61 -9.63
N TYR C 244 16.89 -13.40 -10.31
CA TYR C 244 16.86 -13.26 -11.76
C TYR C 244 17.40 -14.53 -12.39
N PRO C 245 16.61 -15.18 -13.24
CA PRO C 245 16.99 -16.52 -13.66
C PRO C 245 17.97 -16.53 -14.82
N HIS C 246 19.24 -16.41 -14.48
CA HIS C 246 20.31 -16.43 -15.44
C HIS C 246 20.53 -17.85 -15.96
N CYS C 247 20.31 -18.03 -17.26
CA CYS C 247 20.73 -19.28 -17.92
C CYS C 247 22.23 -19.26 -18.15
N LEU C 248 22.82 -20.45 -18.29
CA LEU C 248 24.26 -20.62 -18.43
C LEU C 248 24.80 -19.87 -19.65
N ALA C 249 24.15 -20.04 -20.80
CA ALA C 249 24.68 -19.45 -22.04
C ALA C 249 24.71 -17.91 -21.92
N SER C 250 23.59 -17.34 -21.49
CA SER C 250 23.50 -15.88 -21.35
C SER C 250 24.47 -15.29 -20.34
N PHE C 251 24.63 -15.94 -19.19
CA PHE C 251 25.59 -15.48 -18.18
C PHE C 251 27.02 -15.61 -18.66
N THR C 252 27.32 -16.67 -19.42
CA THR C 252 28.66 -16.88 -19.91
C THR C 252 29.04 -15.72 -20.80
N GLU C 253 28.09 -15.33 -21.66
CA GLU C 253 28.29 -14.19 -22.52
C GLU C 253 28.53 -12.91 -21.71
N LEU C 254 27.63 -12.64 -20.76
CA LEU C 254 27.68 -11.43 -19.95
C LEU C 254 28.98 -11.29 -19.17
N VAL C 255 29.44 -12.37 -18.56
CA VAL C 255 30.58 -12.27 -17.65
C VAL C 255 31.84 -12.05 -18.45
N GLN C 256 31.90 -12.62 -19.64
CA GLN C 256 33.03 -12.37 -20.52
C GLN C 256 33.04 -10.92 -20.99
N GLU C 257 31.91 -10.45 -21.49
CA GLU C 257 31.78 -9.08 -22.00
C GLU C 257 32.26 -8.06 -20.97
N ALA C 258 31.96 -8.30 -19.69
CA ALA C 258 32.43 -7.46 -18.59
C ALA C 258 33.92 -7.24 -18.57
N PHE C 259 34.67 -8.25 -19.03
CA PHE C 259 36.14 -8.16 -19.11
C PHE C 259 36.59 -7.56 -20.44
N GLY C 260 35.66 -7.45 -21.38
CA GLY C 260 35.95 -6.96 -22.72
C GLY C 260 36.60 -8.06 -23.53
N GLY C 261 36.22 -9.29 -23.22
CA GLY C 261 36.83 -10.46 -23.81
C GLY C 261 38.23 -10.77 -23.33
N ARG C 262 38.83 -9.94 -22.46
CA ARG C 262 40.29 -10.08 -22.20
C ARG C 262 40.53 -10.97 -20.96
N CYS C 263 40.11 -12.23 -21.07
CA CYS C 263 40.16 -13.18 -19.97
C CYS C 263 40.17 -14.65 -20.43
N GLN C 264 40.52 -15.55 -19.52
CA GLN C 264 40.37 -16.98 -19.72
C GLN C 264 39.16 -17.39 -18.90
N HIS C 265 38.18 -17.99 -19.54
CA HIS C 265 36.94 -18.37 -18.88
C HIS C 265 36.84 -19.89 -18.76
N SER C 266 36.48 -20.36 -17.58
CA SER C 266 36.10 -21.76 -17.39
C SER C 266 34.86 -21.80 -16.49
N VAL C 267 33.99 -22.80 -16.68
CA VAL C 267 32.79 -22.95 -15.86
C VAL C 267 32.82 -24.31 -15.14
N LEU C 268 32.52 -24.29 -13.85
CA LEU C 268 32.42 -25.51 -13.06
C LEU C 268 30.96 -25.72 -12.73
N GLY C 269 30.58 -26.98 -12.55
CA GLY C 269 29.24 -27.34 -12.09
C GLY C 269 29.34 -28.11 -10.80
N ASP C 270 28.94 -27.50 -9.69
CA ASP C 270 29.14 -28.08 -8.37
C ASP C 270 30.57 -28.50 -8.11
N PHE C 271 31.50 -27.57 -8.37
CA PHE C 271 32.92 -27.70 -8.04
C PHE C 271 33.75 -28.50 -9.07
N LYS C 272 33.10 -29.32 -9.89
CA LYS C 272 33.80 -30.14 -10.87
C LYS C 272 33.65 -29.54 -12.26
N PRO C 273 34.64 -29.78 -13.14
CA PRO C 273 34.55 -29.35 -14.53
C PRO C 273 33.18 -29.62 -15.11
N TYR C 274 32.66 -28.68 -15.89
CA TYR C 274 31.38 -28.88 -16.56
C TYR C 274 31.61 -29.10 -18.04
N ARG C 275 31.15 -30.24 -18.53
CA ARG C 275 31.20 -30.58 -19.95
C ARG C 275 29.75 -30.61 -20.43
N PRO C 276 29.36 -29.66 -21.32
CA PRO C 276 27.97 -29.68 -21.82
C PRO C 276 27.55 -31.06 -22.36
N GLY C 277 26.33 -31.47 -22.02
CA GLY C 277 25.87 -32.81 -22.40
C GLY C 277 26.28 -33.92 -21.45
N GLN C 278 27.02 -33.60 -20.38
CA GLN C 278 27.32 -34.58 -19.33
C GLN C 278 26.01 -35.08 -18.71
N ALA C 279 26.02 -36.27 -18.11
CA ALA C 279 24.83 -36.84 -17.48
C ALA C 279 24.41 -36.07 -16.22
N TYR C 280 25.39 -35.66 -15.43
CA TYR C 280 25.16 -34.99 -14.16
C TYR C 280 24.65 -33.57 -14.38
N VAL C 281 23.58 -33.21 -13.68
CA VAL C 281 23.00 -31.87 -13.78
C VAL C 281 23.34 -31.16 -12.49
N PRO C 282 24.16 -30.10 -12.59
CA PRO C 282 24.59 -29.37 -11.41
C PRO C 282 23.51 -28.48 -10.79
N CYS C 283 23.64 -28.26 -9.49
CA CYS C 283 22.75 -27.33 -8.78
C CYS C 283 23.20 -25.91 -9.04
N TYR C 284 24.53 -25.73 -9.11
CA TYR C 284 25.19 -24.44 -9.30
C TYR C 284 26.21 -24.48 -10.43
N PHE C 285 26.33 -23.35 -11.13
CA PHE C 285 27.41 -23.10 -12.05
C PHE C 285 28.30 -22.02 -11.42
N ILE C 286 29.62 -22.27 -11.44
CA ILE C 286 30.61 -21.36 -10.90
C ILE C 286 31.43 -20.96 -12.11
N HIS C 287 31.56 -19.66 -12.33
CA HIS C 287 32.34 -19.16 -13.46
C HIS C 287 33.69 -18.71 -12.94
N VAL C 288 34.78 -19.24 -13.48
CA VAL C 288 36.11 -18.86 -13.00
C VAL C 288 36.79 -18.10 -14.10
N LEU C 289 37.03 -16.81 -13.89
CA LEU C 289 37.71 -15.99 -14.88
C LEU C 289 39.07 -15.51 -14.42
N LYS C 290 40.06 -15.64 -15.29
CA LYS C 290 41.37 -15.08 -15.05
C LYS C 290 41.55 -13.92 -16.01
N LYS C 291 41.64 -12.70 -15.49
CA LYS C 291 41.87 -11.54 -16.33
C LYS C 291 43.23 -11.70 -17.01
N THR C 292 43.32 -11.36 -18.29
CA THR C 292 44.58 -11.46 -18.98
C THR C 292 45.56 -10.46 -18.35
N GLY C 293 46.82 -10.86 -18.23
CA GLY C 293 47.83 -10.09 -17.47
C GLY C 293 48.91 -10.94 -16.79
N VAL D 2 -8.84 -11.21 -6.95
CA VAL D 2 -8.94 -10.12 -7.97
C VAL D 2 -8.19 -8.83 -7.58
N ASP D 3 -8.15 -8.44 -6.31
CA ASP D 3 -7.49 -7.18 -5.95
C ASP D 3 -6.22 -7.37 -5.13
N SER D 4 -5.70 -8.59 -5.10
CA SER D 4 -4.52 -8.86 -4.32
C SER D 4 -3.25 -8.38 -5.04
N VAL D 5 -2.26 -8.01 -4.24
CA VAL D 5 -0.97 -7.53 -4.71
C VAL D 5 0.14 -8.53 -4.40
N TYR D 6 1.23 -8.47 -5.14
CA TYR D 6 2.30 -9.42 -4.90
C TYR D 6 3.70 -8.77 -4.82
N ARG D 7 4.44 -9.21 -3.82
CA ARG D 7 5.75 -8.68 -3.56
C ARG D 7 6.86 -9.43 -4.21
N THR D 8 7.90 -8.67 -4.51
CA THR D 8 9.17 -9.21 -4.96
C THR D 8 9.79 -9.95 -3.76
N ARG D 9 9.63 -9.33 -2.58
CA ARG D 9 10.09 -9.91 -1.32
C ARG D 9 9.32 -9.45 -0.09
N SER D 10 9.28 -10.30 0.93
CA SER D 10 8.55 -10.00 2.15
C SER D 10 9.07 -8.74 2.81
N LEU D 11 8.17 -8.09 3.53
CA LEU D 11 8.52 -6.95 4.31
C LEU D 11 9.55 -7.43 5.33
N GLY D 12 10.66 -6.70 5.44
CA GLY D 12 11.63 -6.97 6.49
C GLY D 12 12.87 -7.77 6.13
N VAL D 13 12.90 -8.38 4.96
CA VAL D 13 14.04 -9.21 4.60
C VAL D 13 14.97 -8.48 3.64
N ALA D 14 16.17 -9.01 3.49
CA ALA D 14 17.22 -8.36 2.69
C ALA D 14 17.90 -9.46 1.96
N ALA D 15 18.89 -9.06 1.16
CA ALA D 15 19.63 -10.00 0.31
C ALA D 15 20.95 -9.37 -0.14
N GLU D 16 21.98 -10.20 -0.20
CA GLU D 16 23.31 -9.75 -0.55
C GLU D 16 23.28 -9.04 -1.89
N GLY D 17 23.97 -7.91 -1.99
CA GLY D 17 24.10 -7.19 -3.26
C GLY D 17 22.98 -6.21 -3.59
N ILE D 18 21.99 -6.11 -2.74
CA ILE D 18 20.96 -5.16 -3.02
C ILE D 18 20.54 -4.35 -1.79
N PRO D 19 20.24 -3.07 -2.02
CA PRO D 19 19.99 -2.21 -0.87
C PRO D 19 18.72 -2.67 -0.15
N ASP D 20 18.74 -2.51 1.16
CA ASP D 20 17.59 -2.85 1.97
C ASP D 20 16.40 -1.97 1.62
N GLN D 21 15.24 -2.39 2.08
CA GLN D 21 13.99 -1.75 1.63
C GLN D 21 13.92 -0.26 1.93
N TYR D 22 13.90 0.55 0.88
CA TYR D 22 13.80 2.00 0.98
C TYR D 22 15.01 2.64 1.63
N ALA D 23 16.11 1.90 1.72
CA ALA D 23 17.31 2.43 2.34
C ALA D 23 17.94 3.61 1.57
N ASP D 24 17.71 3.66 0.26
CA ASP D 24 18.30 4.66 -0.64
C ASP D 24 17.24 5.70 -1.14
N GLY D 25 16.04 5.67 -0.58
CA GLY D 25 15.02 6.67 -0.95
C GLY D 25 15.33 8.11 -0.49
N GLU D 26 14.70 9.08 -1.16
CA GLU D 26 14.76 10.50 -0.83
C GLU D 26 14.56 10.79 0.63
N ALA D 27 13.49 10.21 1.18
CA ALA D 27 13.15 10.43 2.57
C ALA D 27 14.27 9.92 3.47
N ALA D 28 14.80 8.74 3.17
CA ALA D 28 15.82 8.12 4.04
C ALA D 28 17.12 8.91 3.94
N ARG D 29 17.37 9.50 2.79
CA ARG D 29 18.59 10.26 2.58
C ARG D 29 18.58 11.57 3.36
N VAL D 30 17.48 12.31 3.22
CA VAL D 30 17.33 13.58 3.93
C VAL D 30 17.27 13.34 5.44
N TRP D 31 16.68 12.24 5.88
CA TRP D 31 16.67 11.87 7.27
C TRP D 31 18.10 11.54 7.76
N GLN D 32 18.93 10.93 6.93
CA GLN D 32 20.29 10.62 7.36
C GLN D 32 21.09 11.87 7.69
N LEU D 33 20.75 12.98 7.05
CA LEU D 33 21.34 14.28 7.36
C LEU D 33 20.80 14.85 8.66
N TYR D 34 19.52 14.65 8.94
CA TYR D 34 18.96 15.16 10.19
C TYR D 34 19.61 14.45 11.36
N ILE D 35 19.72 13.13 11.34
CA ILE D 35 20.37 12.43 12.48
C ILE D 35 21.89 12.64 12.55
N GLY D 36 22.51 13.02 11.43
CA GLY D 36 23.92 13.38 11.42
C GLY D 36 24.21 14.80 11.86
N ASP D 37 23.16 15.59 12.06
CA ASP D 37 23.27 17.02 12.46
C ASP D 37 23.48 17.21 13.96
N THR D 38 24.57 16.61 14.46
CA THR D 38 24.84 16.51 15.90
C THR D 38 26.30 16.70 16.29
N ARG D 39 27.12 17.25 15.38
CA ARG D 39 28.53 17.52 15.73
C ARG D 39 28.72 18.89 16.43
N SER D 40 27.61 19.51 16.83
CA SER D 40 27.59 20.67 17.71
C SER D 40 26.62 20.35 18.88
N ARG D 41 27.13 19.58 19.84
CA ARG D 41 26.50 19.38 21.15
C ARG D 41 26.67 20.68 21.86
N THR D 42 25.67 21.14 22.61
CA THR D 42 25.83 22.45 23.28
C THR D 42 26.72 22.31 24.51
N ALA D 43 27.62 23.27 24.69
CA ALA D 43 28.41 23.36 25.91
C ALA D 43 27.50 23.22 27.15
N GLU D 44 26.31 23.84 27.12
CA GLU D 44 25.38 23.83 28.24
C GLU D 44 24.83 22.42 28.59
N TYR D 45 24.54 21.65 27.55
CA TYR D 45 24.10 20.27 27.71
C TYR D 45 25.17 19.39 28.35
N LYS D 46 26.37 19.46 27.83
CA LYS D 46 27.53 18.70 28.35
C LYS D 46 27.76 18.98 29.81
N ALA D 47 28.00 20.24 30.12
CA ALA D 47 28.29 20.69 31.47
C ALA D 47 27.25 20.13 32.40
N TRP D 48 25.98 20.28 32.03
CA TRP D 48 24.91 19.89 32.95
C TRP D 48 24.86 18.39 33.24
N LEU D 49 24.98 17.58 32.18
CA LEU D 49 24.93 16.16 32.36
C LEU D 49 26.19 15.62 33.06
N LEU D 50 27.36 16.15 32.70
CA LEU D 50 28.59 15.75 33.35
C LEU D 50 28.51 16.18 34.78
N GLY D 51 28.12 17.45 35.00
CA GLY D 51 27.98 17.96 36.38
C GLY D 51 27.08 17.08 37.21
N LEU D 52 25.99 16.62 36.64
CA LEU D 52 25.03 15.80 37.36
C LEU D 52 25.61 14.46 37.79
N LEU D 53 26.26 13.78 36.86
CA LEU D 53 26.79 12.48 37.11
C LEU D 53 27.99 12.51 38.07
N ARG D 54 28.79 13.57 38.03
CA ARG D 54 29.94 13.75 38.94
C ARG D 54 29.42 14.06 40.35
N GLN D 55 28.42 14.93 40.40
CA GLN D 55 27.71 15.24 41.63
C GLN D 55 27.12 14.05 42.34
N HIS D 56 26.63 13.05 41.61
CA HIS D 56 26.02 11.90 42.26
C HIS D 56 26.96 10.73 42.37
N GLY D 57 28.21 10.93 41.99
CA GLY D 57 29.21 9.86 42.04
C GLY D 57 28.98 8.67 41.11
N CYS D 58 28.23 8.85 40.03
CA CYS D 58 27.98 7.73 39.13
C CYS D 58 29.22 7.25 38.35
N HIS D 59 29.35 5.93 38.17
CA HIS D 59 30.39 5.38 37.30
C HIS D 59 29.84 4.50 36.18
N ARG D 60 29.01 3.54 36.54
CA ARG D 60 28.39 2.66 35.55
C ARG D 60 27.13 3.32 35.09
N VAL D 61 27.10 3.73 33.83
CA VAL D 61 25.89 4.34 33.25
C VAL D 61 25.29 3.47 32.15
N LEU D 62 23.97 3.33 32.13
CA LEU D 62 23.25 2.68 31.02
C LEU D 62 22.53 3.74 30.21
N ASP D 63 22.78 3.81 28.91
CA ASP D 63 22.03 4.73 27.98
C ASP D 63 21.06 3.90 27.19
N VAL D 64 19.74 4.10 27.41
CA VAL D 64 18.72 3.21 26.86
C VAL D 64 18.11 3.68 25.57
N ALA D 65 18.62 4.77 25.02
CA ALA D 65 18.15 5.34 23.77
C ALA D 65 19.38 5.76 23.00
N CYS D 66 20.27 4.80 22.81
CA CYS D 66 21.57 5.03 22.30
C CYS D 66 21.62 5.84 21.02
N GLY D 67 20.75 5.50 20.09
CA GLY D 67 20.81 6.07 18.76
C GLY D 67 22.21 5.92 18.19
N THR D 68 22.65 6.98 17.47
CA THR D 68 23.95 7.01 16.82
C THR D 68 25.09 7.02 17.80
N GLY D 69 24.80 7.13 19.10
CA GLY D 69 25.83 7.08 20.15
C GLY D 69 26.43 8.37 20.68
N VAL D 70 25.91 9.52 20.28
CA VAL D 70 26.54 10.80 20.61
C VAL D 70 26.64 11.10 22.12
N ASP D 71 25.56 10.90 22.88
CA ASP D 71 25.64 11.04 24.35
C ASP D 71 26.60 9.98 24.91
N SER D 72 26.43 8.75 24.50
CA SER D 72 27.29 7.70 25.04
C SER D 72 28.77 7.93 24.76
N ILE D 73 29.09 8.48 23.59
CA ILE D 73 30.49 8.69 23.17
C ILE D 73 31.22 9.65 24.15
N MET D 74 30.57 10.76 24.45
CA MET D 74 31.10 11.69 25.43
C MET D 74 31.46 10.97 26.71
N LEU D 75 30.44 10.34 27.31
CA LEU D 75 30.63 9.55 28.54
C LEU D 75 31.78 8.54 28.44
N VAL D 76 31.92 7.90 27.29
CA VAL D 76 33.09 7.03 27.11
C VAL D 76 34.36 7.87 27.25
N GLU D 77 34.44 9.00 26.54
CA GLU D 77 35.62 9.85 26.61
C GLU D 77 35.89 10.39 28.04
N GLU D 78 34.84 10.60 28.84
CA GLU D 78 35.02 11.13 30.20
C GLU D 78 35.26 10.02 31.26
N GLY D 79 35.32 8.78 30.83
CA GLY D 79 35.85 7.73 31.73
C GLY D 79 34.79 6.95 32.47
N PHE D 80 33.52 7.15 32.12
CA PHE D 80 32.46 6.33 32.72
C PHE D 80 32.57 4.93 32.14
N SER D 81 31.89 3.98 32.77
CA SER D 81 31.76 2.62 32.20
C SER D 81 30.37 2.54 31.61
N VAL D 82 30.30 2.54 30.28
CA VAL D 82 29.03 2.82 29.56
C VAL D 82 28.48 1.60 28.86
N THR D 83 27.18 1.36 29.07
CA THR D 83 26.40 0.39 28.28
C THR D 83 25.30 1.14 27.51
N SER D 84 25.26 0.93 26.20
CA SER D 84 24.39 1.67 25.33
C SER D 84 23.58 0.69 24.57
N VAL D 85 22.30 1.01 24.44
CA VAL D 85 21.30 0.05 24.05
C VAL D 85 20.24 0.79 23.26
N ASP D 86 19.86 0.23 22.12
CA ASP D 86 18.79 0.81 21.31
C ASP D 86 18.05 -0.28 20.58
N ALA D 87 16.79 -0.02 20.27
CA ALA D 87 15.89 -0.93 19.60
C ALA D 87 16.07 -0.89 18.08
N SER D 88 16.64 0.21 17.61
CA SER D 88 16.79 0.50 16.19
C SER D 88 18.20 0.20 15.70
N ASP D 89 18.33 -0.89 14.93
CA ASP D 89 19.57 -1.27 14.27
C ASP D 89 20.05 -0.22 13.28
N LYS D 90 19.14 0.45 12.58
CA LYS D 90 19.57 1.51 11.67
C LYS D 90 20.45 2.56 12.37
N MET D 91 20.04 2.99 13.56
CA MET D 91 20.78 4.02 14.27
C MET D 91 21.98 3.45 14.99
N LEU D 92 21.81 2.32 15.63
CA LEU D 92 22.89 1.61 16.25
C LEU D 92 24.10 1.38 15.30
N LYS D 93 23.82 1.19 14.03
CA LYS D 93 24.90 1.06 13.06
C LYS D 93 25.95 2.17 13.19
N TYR D 94 25.54 3.41 13.49
CA TYR D 94 26.49 4.53 13.52
C TYR D 94 27.37 4.51 14.76
N ALA D 95 26.79 4.03 15.87
CA ALA D 95 27.47 3.91 17.13
C ALA D 95 28.52 2.82 17.05
N LEU D 96 28.14 1.63 16.61
CA LEU D 96 29.09 0.53 16.38
C LEU D 96 30.28 0.92 15.48
N LYS D 97 29.96 1.66 14.42
CA LYS D 97 30.94 2.15 13.44
C LYS D 97 32.01 3.00 14.12
N GLU D 98 31.57 3.98 14.91
CA GLU D 98 32.46 4.86 15.61
C GLU D 98 33.29 4.02 16.57
N ARG D 99 32.67 3.11 17.31
CA ARG D 99 33.45 2.29 18.25
C ARG D 99 34.59 1.55 17.54
N TRP D 100 34.28 1.07 16.34
CA TRP D 100 35.24 0.31 15.54
C TRP D 100 36.39 1.21 15.12
N ASN D 101 36.06 2.36 14.57
CA ASN D 101 37.07 3.32 14.15
C ASN D 101 38.00 3.71 15.29
N ARG D 102 37.48 3.70 16.52
CA ARG D 102 38.25 4.06 17.72
C ARG D 102 38.63 2.86 18.63
N ARG D 103 38.49 1.64 18.10
CA ARG D 103 38.69 0.43 18.90
C ARG D 103 40.07 0.34 19.56
N LYS D 104 41.06 1.06 19.02
CA LYS D 104 42.41 1.01 19.60
C LYS D 104 42.65 1.92 20.82
N GLU D 105 41.69 2.78 21.13
CA GLU D 105 41.66 3.51 22.41
C GLU D 105 40.95 2.58 23.38
N PRO D 106 41.63 2.17 24.45
CA PRO D 106 41.04 1.28 25.46
C PRO D 106 39.65 1.62 26.00
N ALA D 107 39.35 2.91 26.17
CA ALA D 107 38.02 3.34 26.63
C ALA D 107 36.91 2.84 25.69
N PHE D 108 37.15 2.94 24.37
CA PHE D 108 36.15 2.53 23.36
C PHE D 108 36.15 1.03 23.19
N ASP D 109 37.29 0.41 23.44
CA ASP D 109 37.33 -1.03 23.45
C ASP D 109 36.40 -1.63 24.50
N LYS D 110 36.20 -0.94 25.61
CA LYS D 110 35.39 -1.48 26.69
C LYS D 110 33.96 -0.92 26.67
N TRP D 111 33.62 -0.13 25.64
CA TRP D 111 32.26 0.41 25.47
C TRP D 111 31.29 -0.67 25.00
N VAL D 112 30.24 -0.91 25.78
CA VAL D 112 29.26 -1.98 25.46
C VAL D 112 28.04 -1.44 24.73
N ILE D 113 27.74 -2.02 23.56
CA ILE D 113 26.65 -1.58 22.66
C ILE D 113 25.83 -2.79 22.24
N GLU D 114 24.52 -2.75 22.48
CA GLU D 114 23.67 -3.93 22.20
C GLU D 114 22.25 -3.52 21.80
N GLU D 115 21.54 -4.39 21.09
CA GLU D 115 20.11 -4.21 20.80
C GLU D 115 19.32 -4.52 22.09
N ALA D 116 18.39 -3.65 22.42
CA ALA D 116 17.38 -3.96 23.44
C ALA D 116 16.15 -3.07 23.18
N ASN D 117 15.00 -3.53 23.67
CA ASN D 117 13.71 -2.88 23.53
C ASN D 117 13.21 -2.61 24.92
N TRP D 118 12.69 -1.41 25.16
CA TRP D 118 12.18 -1.04 26.49
C TRP D 118 11.16 -2.03 27.01
N LEU D 119 10.38 -2.62 26.13
CA LEU D 119 9.26 -3.42 26.56
C LEU D 119 9.74 -4.81 26.95
N THR D 120 10.96 -5.17 26.60
CA THR D 120 11.58 -6.43 27.01
C THR D 120 12.97 -6.21 27.62
N LEU D 121 13.15 -5.05 28.24
CA LEU D 121 14.47 -4.64 28.74
C LEU D 121 14.97 -5.56 29.84
N ASP D 122 14.07 -6.04 30.70
CA ASP D 122 14.39 -6.97 31.77
C ASP D 122 15.19 -8.15 31.23
N LYS D 123 14.69 -8.74 30.16
CA LYS D 123 15.35 -9.87 29.49
C LYS D 123 16.53 -9.47 28.61
N ASP D 124 16.43 -8.33 27.93
CA ASP D 124 17.48 -7.91 26.98
C ASP D 124 18.81 -7.47 27.62
N VAL D 125 18.78 -6.86 28.81
CA VAL D 125 19.97 -6.29 29.46
C VAL D 125 20.30 -6.94 30.84
N PRO D 126 21.52 -7.48 30.99
CA PRO D 126 22.07 -7.80 32.33
C PRO D 126 22.32 -6.54 33.19
N ALA D 127 21.56 -6.39 34.28
CA ALA D 127 21.65 -5.18 35.14
C ALA D 127 22.29 -5.42 36.51
N GLY D 128 22.44 -6.70 36.90
CA GLY D 128 22.96 -7.05 38.22
C GLY D 128 22.20 -6.39 39.37
N ASP D 129 22.94 -5.70 40.24
CA ASP D 129 22.37 -4.83 41.27
C ASP D 129 21.75 -3.54 40.70
N GLY D 130 22.07 -3.22 39.44
CA GLY D 130 21.57 -2.00 38.76
C GLY D 130 22.68 -1.04 38.34
N PHE D 131 22.35 -0.08 37.49
CA PHE D 131 23.34 0.91 37.04
C PHE D 131 23.29 2.11 37.96
N ASP D 132 24.38 2.86 38.07
CA ASP D 132 24.38 4.08 38.87
C ASP D 132 23.46 5.14 38.23
N ALA D 133 23.52 5.24 36.92
CA ALA D 133 22.59 6.15 36.27
C ALA D 133 22.13 5.52 34.97
N VAL D 134 20.87 5.74 34.67
CA VAL D 134 20.28 5.32 33.41
C VAL D 134 19.81 6.59 32.73
N ILE D 135 20.14 6.76 31.47
CA ILE D 135 19.70 7.95 30.76
C ILE D 135 18.81 7.67 29.51
N CYS D 136 17.87 8.60 29.28
CA CYS D 136 16.95 8.56 28.15
C CYS D 136 16.69 9.99 27.73
N LEU D 137 17.65 10.53 27.00
CA LEU D 137 17.57 11.90 26.63
C LEU D 137 17.24 12.12 25.15
N GLY D 138 16.97 13.37 24.78
CA GLY D 138 16.77 13.71 23.39
C GLY D 138 15.34 13.53 22.94
N ASN D 139 14.44 13.43 23.94
CA ASN D 139 13.00 13.33 23.70
C ASN D 139 12.69 12.00 23.02
N SER D 140 13.45 10.99 23.38
CA SER D 140 13.33 9.73 22.70
C SER D 140 12.16 8.92 23.20
N PHE D 141 11.81 9.01 24.48
CA PHE D 141 10.70 8.21 24.99
C PHE D 141 9.41 8.47 24.21
N ALA D 142 9.19 9.73 23.81
CA ALA D 142 8.01 10.09 23.05
C ALA D 142 7.90 9.42 21.69
N HIS D 143 8.93 8.76 21.23
CA HIS D 143 8.83 7.97 20.00
C HIS D 143 7.95 6.75 20.19
N LEU D 144 7.68 6.34 21.44
CA LEU D 144 6.86 5.14 21.66
C LEU D 144 5.41 5.50 21.70
N PRO D 145 4.61 5.17 20.65
CA PRO D 145 3.24 5.61 20.62
C PRO D 145 2.35 4.74 21.50
N ASP D 146 1.10 5.16 21.65
CA ASP D 146 0.14 4.41 22.41
C ASP D 146 -0.80 3.76 21.41
N SER D 147 -0.37 2.60 20.89
CA SER D 147 -1.14 1.83 19.91
C SER D 147 -2.31 1.15 20.57
N LYS D 148 -2.09 0.66 21.80
CA LYS D 148 -3.11 -0.06 22.57
C LYS D 148 -4.21 0.88 23.11
N GLY D 149 -3.94 2.19 23.21
CA GLY D 149 -4.98 3.16 23.62
C GLY D 149 -5.12 3.47 25.09
N ASP D 150 -4.48 2.68 25.96
CA ASP D 150 -4.54 2.86 27.43
C ASP D 150 -3.21 3.35 28.08
N GLN D 151 -2.24 3.70 27.25
CA GLN D 151 -0.89 3.97 27.69
C GLN D 151 -0.21 2.80 28.46
N SER D 152 -0.73 1.59 28.34
CA SER D 152 -0.09 0.41 28.93
C SER D 152 1.32 0.12 28.44
N GLU D 153 1.62 0.42 27.19
CA GLU D 153 2.99 0.28 26.68
C GLU D 153 3.90 1.35 27.28
N HIS D 154 3.36 2.54 27.52
CA HIS D 154 4.09 3.58 28.18
C HIS D 154 4.50 3.13 29.58
N ARG D 155 3.57 2.60 30.34
CA ARG D 155 3.86 2.18 31.71
C ARG D 155 4.85 1.04 31.74
N LEU D 156 4.70 0.07 30.85
CA LEU D 156 5.62 -1.07 30.84
C LEU D 156 7.04 -0.63 30.53
N ALA D 157 7.18 0.28 29.55
CA ALA D 157 8.51 0.76 29.16
C ALA D 157 9.19 1.46 30.33
N LEU D 158 8.43 2.27 31.05
CA LEU D 158 8.96 3.01 32.16
C LEU D 158 9.32 2.09 33.32
N LYS D 159 8.47 1.11 33.60
CA LYS D 159 8.73 0.23 34.69
C LYS D 159 10.01 -0.50 34.40
N ASN D 160 10.19 -0.94 33.15
CA ASN D 160 11.38 -1.73 32.79
C ASN D 160 12.63 -0.92 32.83
N ILE D 161 12.53 0.33 32.32
CA ILE D 161 13.62 1.31 32.37
C ILE D 161 13.96 1.65 33.80
N ALA D 162 12.96 1.86 34.65
CA ALA D 162 13.24 2.20 36.04
C ALA D 162 13.88 1.03 36.69
N SER D 163 13.53 -0.20 36.28
CA SER D 163 14.07 -1.37 37.03
C SER D 163 15.57 -1.57 36.75
N MET D 164 16.16 -0.78 35.85
CA MET D 164 17.60 -0.84 35.61
C MET D 164 18.40 -0.05 36.63
N VAL D 165 17.72 0.81 37.39
CA VAL D 165 18.36 1.74 38.29
C VAL D 165 18.61 1.08 39.59
N ARG D 166 19.84 1.11 40.07
CA ARG D 166 20.09 0.47 41.36
C ARG D 166 19.47 1.33 42.46
N PRO D 167 19.24 0.72 43.65
CA PRO D 167 18.77 1.54 44.79
C PRO D 167 19.73 2.69 45.07
N GLY D 168 19.18 3.90 45.18
CA GLY D 168 19.98 5.12 45.38
C GLY D 168 20.55 5.67 44.08
N GLY D 169 20.29 4.94 42.99
CA GLY D 169 20.74 5.36 41.67
C GLY D 169 19.78 6.30 41.00
N LEU D 170 20.13 6.72 39.80
CA LEU D 170 19.52 7.88 39.15
C LEU D 170 18.89 7.44 37.83
N LEU D 171 17.70 7.99 37.53
CA LEU D 171 17.12 7.96 36.19
C LEU D 171 16.97 9.39 35.66
N VAL D 172 17.62 9.68 34.55
CA VAL D 172 17.43 10.98 33.91
C VAL D 172 16.66 10.71 32.61
N ILE D 173 15.48 11.32 32.49
CA ILE D 173 14.59 11.12 31.34
C ILE D 173 13.81 12.37 30.95
N ASP D 174 13.86 12.72 29.67
CA ASP D 174 13.21 13.95 29.20
C ASP D 174 12.08 13.74 28.26
N HIS D 175 11.35 14.83 28.06
CA HIS D 175 10.45 14.99 26.94
C HIS D 175 10.39 16.45 26.59
N ARG D 176 9.97 16.69 25.36
CA ARG D 176 9.81 18.05 24.87
C ARG D 176 8.60 18.68 25.56
N ASN D 177 8.53 20.00 25.52
CA ASN D 177 7.41 20.71 26.15
C ASN D 177 6.17 20.56 25.30
N TYR D 178 5.47 19.44 25.46
CA TYR D 178 4.28 19.18 24.61
C TYR D 178 3.05 19.99 25.09
N ASP D 179 3.14 20.59 26.27
CA ASP D 179 2.05 21.43 26.78
C ASP D 179 1.93 22.65 25.88
N TYR D 180 3.07 23.31 25.71
CA TYR D 180 3.20 24.42 24.76
C TYR D 180 2.77 24.02 23.34
N ILE D 181 3.30 22.91 22.83
CA ILE D 181 3.05 22.53 21.42
C ILE D 181 1.55 22.33 21.19
N LEU D 182 0.91 21.62 22.12
CA LEU D 182 -0.52 21.40 22.08
C LEU D 182 -1.30 22.71 22.07
N SER D 183 -1.01 23.64 22.96
CA SER D 183 -1.77 24.88 23.04
C SER D 183 -1.55 25.85 21.86
N THR D 184 -0.39 25.79 21.21
CA THR D 184 -0.11 26.62 20.03
C THR D 184 -0.21 25.91 18.67
N GLY D 185 -0.22 24.59 18.68
CA GLY D 185 -0.24 23.84 17.44
C GLY D 185 1.03 23.88 16.60
N CYS D 186 2.06 24.54 17.08
CA CYS D 186 3.32 24.74 16.34
C CYS D 186 4.49 24.14 17.12
N ALA D 187 5.34 23.39 16.41
CA ALA D 187 6.58 22.81 16.97
C ALA D 187 7.77 23.49 16.31
N PRO D 188 8.21 24.63 16.88
CA PRO D 188 9.27 25.44 16.25
C PRO D 188 10.59 24.67 16.04
N PRO D 189 11.26 24.89 14.88
CA PRO D 189 12.53 24.23 14.51
C PRO D 189 13.80 24.90 15.05
N GLY D 190 14.82 24.08 15.36
CA GLY D 190 16.12 24.58 15.83
C GLY D 190 16.22 24.79 17.34
N LYS D 191 15.14 24.48 18.06
CA LYS D 191 15.05 24.69 19.53
C LYS D 191 15.70 23.56 20.33
N ASN D 192 16.44 22.66 19.68
CA ASN D 192 17.19 21.59 20.33
C ASN D 192 18.30 22.20 21.19
N ILE D 193 18.17 22.11 22.51
CA ILE D 193 19.15 22.68 23.42
C ILE D 193 20.24 21.69 23.68
N TYR D 194 20.11 20.46 23.21
CA TYR D 194 21.18 19.48 23.37
C TYR D 194 22.24 19.68 22.31
N TYR D 195 21.78 19.92 21.09
CA TYR D 195 22.66 20.04 19.94
C TYR D 195 22.17 21.24 19.12
N LYS D 196 23.11 22.11 18.76
CA LYS D 196 22.82 23.25 17.90
C LYS D 196 22.73 22.72 16.48
N SER D 197 21.61 22.98 15.83
CA SER D 197 21.39 22.57 14.45
C SER D 197 22.28 23.43 13.51
N ASP D 198 23.06 22.80 12.63
CA ASP D 198 23.80 23.52 11.56
C ASP D 198 23.12 23.26 10.18
N LEU D 199 21.81 23.09 10.22
CA LEU D 199 21.02 22.59 9.10
C LEU D 199 19.65 23.25 9.18
N THR D 200 19.29 23.92 8.08
CA THR D 200 18.05 24.68 8.01
C THR D 200 16.83 23.81 7.77
N LYS D 201 15.77 24.11 8.53
CA LYS D 201 14.55 23.36 8.52
C LYS D 201 13.26 24.20 8.48
N ASP D 202 12.37 23.81 7.57
CA ASP D 202 10.97 24.21 7.64
C ASP D 202 10.20 23.00 8.11
N ILE D 203 9.36 23.21 9.11
CA ILE D 203 8.66 22.10 9.76
C ILE D 203 7.19 22.36 9.80
N THR D 204 6.39 21.42 9.30
CA THR D 204 4.95 21.45 9.44
C THR D 204 4.56 20.54 10.60
N THR D 205 3.63 21.01 11.43
CA THR D 205 3.28 20.34 12.68
C THR D 205 1.83 19.86 12.62
N SER D 206 1.59 18.55 12.77
CA SER D 206 0.23 18.03 12.72
C SER D 206 -0.13 17.43 14.06
N VAL D 207 -1.21 17.87 14.67
CA VAL D 207 -1.63 17.29 15.95
C VAL D 207 -2.95 16.57 15.75
N LEU D 208 -3.01 15.32 16.23
CA LEU D 208 -4.20 14.49 16.15
C LEU D 208 -4.75 14.26 17.53
N THR D 209 -6.00 14.64 17.71
CA THR D 209 -6.71 14.47 18.94
C THR D 209 -7.87 13.52 18.70
N VAL D 210 -7.94 12.44 19.48
CA VAL D 210 -8.96 11.39 19.37
C VAL D 210 -9.85 11.31 20.60
N ASN D 211 -11.14 11.51 20.42
CA ASN D 211 -12.07 11.59 21.51
C ASN D 211 -11.64 12.58 22.60
N ASN D 212 -11.09 13.71 22.14
CA ASN D 212 -10.75 14.87 22.96
C ASN D 212 -9.49 14.73 23.78
N LYS D 213 -8.67 13.74 23.45
CA LYS D 213 -7.38 13.49 24.09
C LYS D 213 -6.27 13.46 23.03
N ALA D 214 -5.24 14.28 23.19
CA ALA D 214 -4.14 14.30 22.27
C ALA D 214 -3.57 12.88 22.12
N HIS D 215 -3.19 12.50 20.92
CA HIS D 215 -2.83 11.13 20.61
C HIS D 215 -1.50 11.05 19.87
N MET D 216 -1.15 12.08 19.11
CA MET D 216 -0.03 12.06 18.22
C MET D 216 0.26 13.45 17.66
N VAL D 217 1.56 13.71 17.53
CA VAL D 217 2.09 14.91 16.93
C VAL D 217 2.97 14.41 15.80
N THR D 218 2.71 14.86 14.60
CA THR D 218 3.55 14.46 13.47
C THR D 218 4.23 15.70 12.90
N LEU D 219 5.55 15.60 12.79
CA LEU D 219 6.32 16.66 12.19
C LEU D 219 6.74 16.25 10.81
N ASP D 220 6.57 17.19 9.89
CA ASP D 220 7.03 17.03 8.52
C ASP D 220 8.16 17.99 8.30
N TYR D 221 9.36 17.44 8.14
CA TYR D 221 10.55 18.23 7.95
C TYR D 221 10.85 18.42 6.45
N THR D 222 11.08 19.66 6.02
CA THR D 222 11.55 19.91 4.62
C THR D 222 12.94 20.53 4.65
N VAL D 223 13.80 20.12 3.74
CA VAL D 223 15.17 20.71 3.65
C VAL D 223 15.39 21.18 2.22
N GLN D 224 16.18 22.23 2.05
CA GLN D 224 16.54 22.73 0.71
C GLN D 224 17.58 21.84 0.01
N VAL D 225 17.49 21.86 -1.32
CA VAL D 225 18.43 21.15 -2.21
C VAL D 225 18.64 21.96 -3.52
N GLY D 235 16.28 22.39 -5.44
CA GLY D 235 14.90 22.11 -5.01
C GLY D 235 14.75 21.98 -3.49
N PHE D 236 13.79 21.15 -3.05
CA PHE D 236 13.64 20.82 -1.61
C PHE D 236 12.82 19.53 -1.33
N SER D 237 13.30 18.75 -0.36
CA SER D 237 12.77 17.41 -0.10
C SER D 237 12.40 17.22 1.35
N LYS D 238 11.49 16.30 1.64
CA LYS D 238 10.96 16.19 3.00
C LYS D 238 10.92 14.79 3.62
N PHE D 239 10.88 14.74 4.95
CA PHE D 239 10.64 13.50 5.66
C PHE D 239 9.81 13.73 6.92
N ARG D 240 9.30 12.64 7.51
CA ARG D 240 8.24 12.73 8.54
C ARG D 240 8.55 11.83 9.71
N LEU D 241 8.35 12.30 10.94
CA LEU D 241 8.49 11.50 12.16
C LEU D 241 7.33 11.82 13.07
N SER D 242 6.94 10.88 13.94
CA SER D 242 5.81 11.09 14.82
C SER D 242 6.15 10.83 16.31
N TYR D 243 5.37 11.40 17.22
CA TYR D 243 5.73 11.51 18.61
C TYR D 243 4.48 11.49 19.43
N TYR D 244 4.54 10.95 20.64
CA TYR D 244 3.40 10.97 21.53
C TYR D 244 3.53 12.23 22.38
N PRO D 245 2.49 13.06 22.50
CA PRO D 245 2.72 14.33 23.19
C PRO D 245 2.49 14.25 24.70
N HIS D 246 3.52 13.87 25.43
CA HIS D 246 3.43 13.77 26.89
C HIS D 246 3.34 15.17 27.56
N CYS D 247 2.28 15.39 28.32
CA CYS D 247 2.19 16.58 29.14
C CYS D 247 2.91 16.40 30.44
N LEU D 248 3.37 17.51 31.00
CA LEU D 248 4.19 17.45 32.18
C LEU D 248 3.50 16.71 33.34
N ALA D 249 2.22 16.97 33.54
CA ALA D 249 1.52 16.48 34.73
C ALA D 249 1.32 14.98 34.61
N SER D 250 0.96 14.56 33.40
CA SER D 250 0.77 13.14 33.13
C SER D 250 2.09 12.38 33.23
N PHE D 251 3.15 12.88 32.61
CA PHE D 251 4.47 12.21 32.63
C PHE D 251 5.03 12.13 34.04
N THR D 252 4.91 13.22 34.77
CA THR D 252 5.32 13.23 36.17
C THR D 252 4.65 12.10 36.92
N GLU D 253 3.37 11.89 36.70
CA GLU D 253 2.67 10.77 37.35
C GLU D 253 3.20 9.40 36.84
N LEU D 254 3.24 9.24 35.50
CA LEU D 254 3.74 7.99 34.92
C LEU D 254 5.14 7.62 35.42
N VAL D 255 6.06 8.57 35.48
CA VAL D 255 7.44 8.23 35.76
C VAL D 255 7.62 7.77 37.21
N GLN D 256 6.86 8.36 38.13
CA GLN D 256 6.91 7.98 39.55
C GLN D 256 6.22 6.64 39.82
N GLU D 257 5.04 6.48 39.22
CA GLU D 257 4.38 5.18 39.18
C GLU D 257 5.40 4.08 38.78
N ALA D 258 6.29 4.40 37.85
CA ALA D 258 7.23 3.40 37.34
C ALA D 258 8.09 2.80 38.45
N PHE D 259 8.43 3.61 39.45
CA PHE D 259 9.20 3.17 40.61
C PHE D 259 8.30 2.71 41.75
N GLY D 260 7.02 2.56 41.48
CA GLY D 260 6.04 2.27 42.51
C GLY D 260 6.11 3.27 43.64
N GLY D 261 6.20 4.56 43.28
CA GLY D 261 6.24 5.66 44.25
C GLY D 261 7.51 5.80 45.08
N ARG D 262 8.47 4.89 44.93
CA ARG D 262 9.62 4.87 45.82
C ARG D 262 10.81 5.58 45.18
N CYS D 263 10.72 6.91 45.16
CA CYS D 263 11.70 7.71 44.48
C CYS D 263 11.57 9.18 44.88
N GLN D 264 12.67 9.91 44.71
CA GLN D 264 12.67 11.36 44.80
C GLN D 264 12.69 11.85 43.38
N HIS D 265 11.85 12.85 43.11
CA HIS D 265 11.57 13.33 41.78
C HIS D 265 11.76 14.83 41.72
N SER D 266 12.40 15.31 40.66
CA SER D 266 12.37 16.72 40.39
C SER D 266 12.36 16.96 38.90
N VAL D 267 11.88 18.14 38.49
CA VAL D 267 11.79 18.51 37.07
C VAL D 267 12.68 19.69 36.74
N LEU D 268 13.52 19.55 35.73
CA LEU D 268 14.27 20.69 35.22
C LEU D 268 13.60 21.21 33.94
N GLY D 269 13.73 22.49 33.64
CA GLY D 269 13.32 23.03 32.37
C GLY D 269 14.54 23.58 31.68
N ASP D 270 14.94 22.98 30.57
CA ASP D 270 16.17 23.39 29.90
C ASP D 270 17.34 23.54 30.86
N PHE D 271 17.55 22.52 31.67
CA PHE D 271 18.72 22.41 32.56
C PHE D 271 18.66 23.21 33.82
N LYS D 272 17.56 23.91 34.08
CA LYS D 272 17.44 24.72 35.28
C LYS D 272 16.23 24.27 36.09
N PRO D 273 16.24 24.53 37.38
CA PRO D 273 15.07 24.15 38.17
C PRO D 273 13.79 24.72 37.58
N TYR D 274 12.72 23.93 37.61
CA TYR D 274 11.44 24.38 37.11
C TYR D 274 10.48 24.53 38.28
N ARG D 275 9.75 25.63 38.27
CA ARG D 275 8.72 25.93 39.25
C ARG D 275 7.43 26.25 38.48
N PRO D 276 6.35 25.47 38.71
CA PRO D 276 5.13 25.69 37.90
C PRO D 276 4.68 27.15 37.92
N GLY D 277 4.18 27.61 36.78
CA GLY D 277 3.81 29.02 36.68
C GLY D 277 4.95 30.04 36.68
N GLN D 278 6.20 29.59 36.68
CA GLN D 278 7.34 30.45 36.41
C GLN D 278 7.17 31.04 35.01
N ALA D 279 7.79 32.19 34.79
CA ALA D 279 7.67 32.93 33.52
C ALA D 279 8.30 32.21 32.32
N TYR D 280 9.51 31.69 32.49
CA TYR D 280 10.19 30.97 31.41
C TYR D 280 9.52 29.64 31.01
N VAL D 281 9.14 29.57 29.76
CA VAL D 281 8.55 28.37 29.16
C VAL D 281 9.71 27.63 28.50
N PRO D 282 10.06 26.44 29.01
CA PRO D 282 11.23 25.76 28.48
C PRO D 282 10.86 24.94 27.27
N CYS D 283 11.84 24.66 26.40
CA CYS D 283 11.61 23.74 25.30
C CYS D 283 11.49 22.29 25.80
N TYR D 284 12.23 21.93 26.84
CA TYR D 284 12.29 20.54 27.30
C TYR D 284 12.15 20.47 28.78
N PHE D 285 11.44 19.44 29.23
CA PHE D 285 11.44 19.07 30.62
C PHE D 285 12.33 17.85 30.84
N ILE D 286 13.20 17.89 31.84
CA ILE D 286 14.04 16.74 32.17
C ILE D 286 13.68 16.28 33.55
N HIS D 287 13.26 15.02 33.67
CA HIS D 287 12.92 14.52 34.98
C HIS D 287 14.14 13.82 35.56
N VAL D 288 14.42 14.07 36.84
CA VAL D 288 15.55 13.46 37.51
C VAL D 288 14.99 12.69 38.66
N LEU D 289 15.25 11.39 38.72
CA LEU D 289 14.64 10.57 39.76
C LEU D 289 15.65 9.75 40.52
N LYS D 290 15.66 9.89 41.83
CA LYS D 290 16.58 9.11 42.67
C LYS D 290 15.76 7.94 43.20
N LYS D 291 16.20 6.73 42.94
CA LYS D 291 15.50 5.56 43.42
C LYS D 291 15.68 5.40 44.92
N THR D 292 14.56 5.52 45.63
CA THR D 292 14.52 5.55 47.10
C THR D 292 14.48 4.14 47.74
N GLY D 293 14.87 3.12 46.96
CA GLY D 293 14.65 1.70 47.34
C GLY D 293 14.24 0.78 46.18
#